data_2I6V
# 
_entry.id   2I6V 
# 
_audit_conform.dict_name       mmcif_pdbx.dic 
_audit_conform.dict_version    5.387 
_audit_conform.dict_location   http://mmcif.pdb.org/dictionaries/ascii/mmcif_pdbx.dic 
# 
loop_
_database_2.database_id 
_database_2.database_code 
_database_2.pdbx_database_accession 
_database_2.pdbx_DOI 
PDB   2I6V         pdb_00002i6v 10.2210/pdb2i6v/pdb 
RCSB  RCSB039211   ?            ?                   
WWPDB D_1000039211 ?            ?                   
# 
loop_
_pdbx_audit_revision_history.ordinal 
_pdbx_audit_revision_history.data_content_type 
_pdbx_audit_revision_history.major_revision 
_pdbx_audit_revision_history.minor_revision 
_pdbx_audit_revision_history.revision_date 
1 'Structure model' 1 0 2006-10-17 
2 'Structure model' 1 1 2008-05-01 
3 'Structure model' 1 2 2011-07-13 
4 'Structure model' 1 3 2017-10-18 
5 'Structure model' 1 4 2024-02-21 
# 
_pdbx_audit_revision_details.ordinal             1 
_pdbx_audit_revision_details.revision_ordinal    1 
_pdbx_audit_revision_details.data_content_type   'Structure model' 
_pdbx_audit_revision_details.provider            repository 
_pdbx_audit_revision_details.type                'Initial release' 
_pdbx_audit_revision_details.description         ? 
_pdbx_audit_revision_details.details             ? 
# 
loop_
_pdbx_audit_revision_group.ordinal 
_pdbx_audit_revision_group.revision_ordinal 
_pdbx_audit_revision_group.data_content_type 
_pdbx_audit_revision_group.group 
1 2 'Structure model' 'Version format compliance' 
2 3 'Structure model' 'Version format compliance' 
3 4 'Structure model' 'Refinement description'    
4 5 'Structure model' 'Data collection'           
5 5 'Structure model' 'Database references'       
# 
loop_
_pdbx_audit_revision_category.ordinal 
_pdbx_audit_revision_category.revision_ordinal 
_pdbx_audit_revision_category.data_content_type 
_pdbx_audit_revision_category.category 
1 4 'Structure model' software       
2 5 'Structure model' chem_comp_atom 
3 5 'Structure model' chem_comp_bond 
4 5 'Structure model' database_2     
# 
loop_
_pdbx_audit_revision_item.ordinal 
_pdbx_audit_revision_item.revision_ordinal 
_pdbx_audit_revision_item.data_content_type 
_pdbx_audit_revision_item.item 
1  4 'Structure model' '_software.classification'            
2  4 'Structure model' '_software.contact_author'            
3  4 'Structure model' '_software.contact_author_email'      
4  4 'Structure model' '_software.date'                      
5  4 'Structure model' '_software.language'                  
6  4 'Structure model' '_software.location'                  
7  4 'Structure model' '_software.name'                      
8  4 'Structure model' '_software.type'                      
9  4 'Structure model' '_software.version'                   
10 5 'Structure model' '_database_2.pdbx_DOI'                
11 5 'Structure model' '_database_2.pdbx_database_accession' 
# 
_pdbx_database_status.entry_id                        2I6V 
_pdbx_database_status.deposit_site                    RCSB 
_pdbx_database_status.process_site                    RCSB 
_pdbx_database_status.recvd_initial_deposition_date   2006-08-29 
_pdbx_database_status.status_code                     REL 
_pdbx_database_status.status_code_sf                  REL 
_pdbx_database_status.status_code_mr                  ? 
_pdbx_database_status.SG_entry                        ? 
_pdbx_database_status.pdb_format_compatible           Y 
_pdbx_database_status.status_code_cs                  ? 
_pdbx_database_status.methods_development_category    ? 
_pdbx_database_status.status_code_nmr_data            ? 
# 
_pdbx_database_related.db_name        PDB 
_pdbx_database_related.db_id          2I4S 
_pdbx_database_related.details        'Longer construct of the same protein.' 
_pdbx_database_related.content_type   unspecified 
# 
loop_
_audit_author.name 
_audit_author.pdbx_ordinal 
'Korotkov, K.V.'  1 
'Krumm, B.'       2 
'Bagdasarian, M.' 3 
'Hol, W.G.J.'     4 
# 
_citation.id                        primary 
_citation.title                     
'Structural and Functional Studies of EpsC, a Crucial Component of the Type 2 Secretion System from Vibrio cholerae.' 
_citation.journal_abbrev            J.Mol.Biol. 
_citation.journal_volume            363 
_citation.page_first                311 
_citation.page_last                 321 
_citation.year                      2006 
_citation.journal_id_ASTM           JMOBAK 
_citation.country                   UK 
_citation.journal_id_ISSN           0022-2836 
_citation.journal_id_CSD            0070 
_citation.book_publisher            ? 
_citation.pdbx_database_id_PubMed   16978643 
_citation.pdbx_database_id_DOI      10.1016/j.jmb.2006.08.037 
# 
loop_
_citation_author.citation_id 
_citation_author.name 
_citation_author.ordinal 
_citation_author.identifier_ORCID 
primary 'Korotkov, K.V.'  1 ? 
primary 'Krumm, B.'       2 ? 
primary 'Bagdasarian, M.' 3 ? 
primary 'Hol, W.G.'       4 ? 
# 
loop_
_entity.id 
_entity.type 
_entity.src_method 
_entity.pdbx_description 
_entity.formula_weight 
_entity.pdbx_number_of_molecules 
_entity.pdbx_ec 
_entity.pdbx_mutation 
_entity.pdbx_fragment 
_entity.details 
1 polymer man 'General secretion pathway protein C' 9935.156 1   ? ? 'PDZ domain, residues 219-305' ? 
2 water   nat water                                 18.015   117 ? ? ?                              ? 
# 
_entity_name_com.entity_id   1 
_entity_name_com.name        'Cholera toxin secretion protein epsC' 
# 
_entity_poly.entity_id                      1 
_entity_poly.type                           'polypeptide(L)' 
_entity_poly.nstd_linkage                   no 
_entity_poly.nstd_monomer                   no 
_entity_poly.pdbx_seq_one_letter_code       
;QEIFQYVRLSQVKRDDKVLGYRVSPGKDPVLFESIGLQDGDMAVALNGLDLTDPNVMNTLFQSMNEMTEMSLTVERDGQQ
HDVYIQF
;
_entity_poly.pdbx_seq_one_letter_code_can   
;QEIFQYVRLSQVKRDDKVLGYRVSPGKDPVLFESIGLQDGDMAVALNGLDLTDPNVMNTLFQSMNEMTEMSLTVERDGQQ
HDVYIQF
;
_entity_poly.pdbx_strand_id                 A 
_entity_poly.pdbx_target_identifier         ? 
# 
_pdbx_entity_nonpoly.entity_id   2 
_pdbx_entity_nonpoly.name        water 
_pdbx_entity_nonpoly.comp_id     HOH 
# 
loop_
_entity_poly_seq.entity_id 
_entity_poly_seq.num 
_entity_poly_seq.mon_id 
_entity_poly_seq.hetero 
1 1  GLN n 
1 2  GLU n 
1 3  ILE n 
1 4  PHE n 
1 5  GLN n 
1 6  TYR n 
1 7  VAL n 
1 8  ARG n 
1 9  LEU n 
1 10 SER n 
1 11 GLN n 
1 12 VAL n 
1 13 LYS n 
1 14 ARG n 
1 15 ASP n 
1 16 ASP n 
1 17 LYS n 
1 18 VAL n 
1 19 LEU n 
1 20 GLY n 
1 21 TYR n 
1 22 ARG n 
1 23 VAL n 
1 24 SER n 
1 25 PRO n 
1 26 GLY n 
1 27 LYS n 
1 28 ASP n 
1 29 PRO n 
1 30 VAL n 
1 31 LEU n 
1 32 PHE n 
1 33 GLU n 
1 34 SER n 
1 35 ILE n 
1 36 GLY n 
1 37 LEU n 
1 38 GLN n 
1 39 ASP n 
1 40 GLY n 
1 41 ASP n 
1 42 MET n 
1 43 ALA n 
1 44 VAL n 
1 45 ALA n 
1 46 LEU n 
1 47 ASN n 
1 48 GLY n 
1 49 LEU n 
1 50 ASP n 
1 51 LEU n 
1 52 THR n 
1 53 ASP n 
1 54 PRO n 
1 55 ASN n 
1 56 VAL n 
1 57 MET n 
1 58 ASN n 
1 59 THR n 
1 60 LEU n 
1 61 PHE n 
1 62 GLN n 
1 63 SER n 
1 64 MET n 
1 65 ASN n 
1 66 GLU n 
1 67 MET n 
1 68 THR n 
1 69 GLU n 
1 70 MET n 
1 71 SER n 
1 72 LEU n 
1 73 THR n 
1 74 VAL n 
1 75 GLU n 
1 76 ARG n 
1 77 ASP n 
1 78 GLY n 
1 79 GLN n 
1 80 GLN n 
1 81 HIS n 
1 82 ASP n 
1 83 VAL n 
1 84 TYR n 
1 85 ILE n 
1 86 GLN n 
1 87 PHE n 
# 
_entity_src_gen.entity_id                          1 
_entity_src_gen.pdbx_src_id                        1 
_entity_src_gen.pdbx_alt_source_flag               sample 
_entity_src_gen.pdbx_seq_type                      ? 
_entity_src_gen.pdbx_beg_seq_num                   ? 
_entity_src_gen.pdbx_end_seq_num                   ? 
_entity_src_gen.gene_src_common_name               ? 
_entity_src_gen.gene_src_genus                     Vibrio 
_entity_src_gen.pdbx_gene_src_gene                 epsC 
_entity_src_gen.gene_src_species                   ? 
_entity_src_gen.gene_src_strain                    ? 
_entity_src_gen.gene_src_tissue                    ? 
_entity_src_gen.gene_src_tissue_fraction           ? 
_entity_src_gen.gene_src_details                   ? 
_entity_src_gen.pdbx_gene_src_fragment             ? 
_entity_src_gen.pdbx_gene_src_scientific_name      'Vibrio cholerae' 
_entity_src_gen.pdbx_gene_src_ncbi_taxonomy_id     666 
_entity_src_gen.pdbx_gene_src_variant              ? 
_entity_src_gen.pdbx_gene_src_cell_line            ? 
_entity_src_gen.pdbx_gene_src_atcc                 ? 
_entity_src_gen.pdbx_gene_src_organ                ? 
_entity_src_gen.pdbx_gene_src_organelle            ? 
_entity_src_gen.pdbx_gene_src_cell                 ? 
_entity_src_gen.pdbx_gene_src_cellular_location    ? 
_entity_src_gen.host_org_common_name               ? 
_entity_src_gen.pdbx_host_org_scientific_name      'Escherichia coli BL21(DE3)' 
_entity_src_gen.pdbx_host_org_ncbi_taxonomy_id     469008 
_entity_src_gen.host_org_genus                     Escherichia 
_entity_src_gen.pdbx_host_org_gene                 ? 
_entity_src_gen.pdbx_host_org_organ                ? 
_entity_src_gen.host_org_species                   'Escherichia coli' 
_entity_src_gen.pdbx_host_org_tissue               ? 
_entity_src_gen.pdbx_host_org_tissue_fraction      ? 
_entity_src_gen.pdbx_host_org_strain               'BL21(DE3)' 
_entity_src_gen.pdbx_host_org_variant              ? 
_entity_src_gen.pdbx_host_org_cell_line            ? 
_entity_src_gen.pdbx_host_org_atcc                 ? 
_entity_src_gen.pdbx_host_org_culture_collection   ? 
_entity_src_gen.pdbx_host_org_cell                 ? 
_entity_src_gen.pdbx_host_org_organelle            ? 
_entity_src_gen.pdbx_host_org_cellular_location    ? 
_entity_src_gen.pdbx_host_org_vector_type          PLASMID 
_entity_src_gen.pdbx_host_org_vector               ? 
_entity_src_gen.host_org_details                   ? 
_entity_src_gen.expression_system_id               ? 
_entity_src_gen.plasmid_name                       AVA0421 
_entity_src_gen.plasmid_details                    ? 
_entity_src_gen.pdbx_description                   ? 
# 
loop_
_chem_comp.id 
_chem_comp.type 
_chem_comp.mon_nstd_flag 
_chem_comp.name 
_chem_comp.pdbx_synonyms 
_chem_comp.formula 
_chem_comp.formula_weight 
ALA 'L-peptide linking' y ALANINE         ? 'C3 H7 N O2'     89.093  
ARG 'L-peptide linking' y ARGININE        ? 'C6 H15 N4 O2 1' 175.209 
ASN 'L-peptide linking' y ASPARAGINE      ? 'C4 H8 N2 O3'    132.118 
ASP 'L-peptide linking' y 'ASPARTIC ACID' ? 'C4 H7 N O4'     133.103 
GLN 'L-peptide linking' y GLUTAMINE       ? 'C5 H10 N2 O3'   146.144 
GLU 'L-peptide linking' y 'GLUTAMIC ACID' ? 'C5 H9 N O4'     147.129 
GLY 'peptide linking'   y GLYCINE         ? 'C2 H5 N O2'     75.067  
HIS 'L-peptide linking' y HISTIDINE       ? 'C6 H10 N3 O2 1' 156.162 
HOH non-polymer         . WATER           ? 'H2 O'           18.015  
ILE 'L-peptide linking' y ISOLEUCINE      ? 'C6 H13 N O2'    131.173 
LEU 'L-peptide linking' y LEUCINE         ? 'C6 H13 N O2'    131.173 
LYS 'L-peptide linking' y LYSINE          ? 'C6 H15 N2 O2 1' 147.195 
MET 'L-peptide linking' y METHIONINE      ? 'C5 H11 N O2 S'  149.211 
PHE 'L-peptide linking' y PHENYLALANINE   ? 'C9 H11 N O2'    165.189 
PRO 'L-peptide linking' y PROLINE         ? 'C5 H9 N O2'     115.130 
SER 'L-peptide linking' y SERINE          ? 'C3 H7 N O3'     105.093 
THR 'L-peptide linking' y THREONINE       ? 'C4 H9 N O3'     119.119 
TYR 'L-peptide linking' y TYROSINE        ? 'C9 H11 N O3'    181.189 
VAL 'L-peptide linking' y VALINE          ? 'C5 H11 N O2'    117.146 
# 
loop_
_pdbx_poly_seq_scheme.asym_id 
_pdbx_poly_seq_scheme.entity_id 
_pdbx_poly_seq_scheme.seq_id 
_pdbx_poly_seq_scheme.mon_id 
_pdbx_poly_seq_scheme.ndb_seq_num 
_pdbx_poly_seq_scheme.pdb_seq_num 
_pdbx_poly_seq_scheme.auth_seq_num 
_pdbx_poly_seq_scheme.pdb_mon_id 
_pdbx_poly_seq_scheme.auth_mon_id 
_pdbx_poly_seq_scheme.pdb_strand_id 
_pdbx_poly_seq_scheme.pdb_ins_code 
_pdbx_poly_seq_scheme.hetero 
A 1 1  GLN 1  219 219 GLN GLN A . n 
A 1 2  GLU 2  220 220 GLU GLU A . n 
A 1 3  ILE 3  221 221 ILE ILE A . n 
A 1 4  PHE 4  222 222 PHE PHE A . n 
A 1 5  GLN 5  223 223 GLN GLN A . n 
A 1 6  TYR 6  224 224 TYR TYR A . n 
A 1 7  VAL 7  225 225 VAL VAL A . n 
A 1 8  ARG 8  226 226 ARG ARG A . n 
A 1 9  LEU 9  227 227 LEU LEU A . n 
A 1 10 SER 10 228 228 SER SER A . n 
A 1 11 GLN 11 229 229 GLN GLN A . n 
A 1 12 VAL 12 230 230 VAL VAL A . n 
A 1 13 LYS 13 231 231 LYS LYS A . n 
A 1 14 ARG 14 232 232 ARG ARG A . n 
A 1 15 ASP 15 233 233 ASP ASP A . n 
A 1 16 ASP 16 234 234 ASP ASP A . n 
A 1 17 LYS 17 235 235 LYS LYS A . n 
A 1 18 VAL 18 236 236 VAL VAL A . n 
A 1 19 LEU 19 237 237 LEU LEU A . n 
A 1 20 GLY 20 238 238 GLY GLY A . n 
A 1 21 TYR 21 239 239 TYR TYR A . n 
A 1 22 ARG 22 240 240 ARG ARG A . n 
A 1 23 VAL 23 241 241 VAL VAL A . n 
A 1 24 SER 24 242 242 SER SER A . n 
A 1 25 PRO 25 243 243 PRO PRO A . n 
A 1 26 GLY 26 244 244 GLY GLY A . n 
A 1 27 LYS 27 245 245 LYS LYS A . n 
A 1 28 ASP 28 246 246 ASP ASP A . n 
A 1 29 PRO 29 247 247 PRO PRO A . n 
A 1 30 VAL 30 248 248 VAL VAL A . n 
A 1 31 LEU 31 249 249 LEU LEU A . n 
A 1 32 PHE 32 250 250 PHE PHE A . n 
A 1 33 GLU 33 251 251 GLU GLU A . n 
A 1 34 SER 34 252 252 SER SER A . n 
A 1 35 ILE 35 253 253 ILE ILE A . n 
A 1 36 GLY 36 254 254 GLY GLY A . n 
A 1 37 LEU 37 255 255 LEU LEU A . n 
A 1 38 GLN 38 256 256 GLN GLN A . n 
A 1 39 ASP 39 257 257 ASP ASP A . n 
A 1 40 GLY 40 258 258 GLY GLY A . n 
A 1 41 ASP 41 259 259 ASP ASP A . n 
A 1 42 MET 42 260 260 MET MET A . n 
A 1 43 ALA 43 261 261 ALA ALA A . n 
A 1 44 VAL 44 262 262 VAL VAL A . n 
A 1 45 ALA 45 263 263 ALA ALA A . n 
A 1 46 LEU 46 264 264 LEU LEU A . n 
A 1 47 ASN 47 265 265 ASN ASN A . n 
A 1 48 GLY 48 266 266 GLY GLY A . n 
A 1 49 LEU 49 267 267 LEU LEU A . n 
A 1 50 ASP 50 268 268 ASP ASP A . n 
A 1 51 LEU 51 269 269 LEU LEU A . n 
A 1 52 THR 52 270 270 THR THR A . n 
A 1 53 ASP 53 271 271 ASP ASP A . n 
A 1 54 PRO 54 272 272 PRO PRO A . n 
A 1 55 ASN 55 273 273 ASN ASN A . n 
A 1 56 VAL 56 274 274 VAL VAL A . n 
A 1 57 MET 57 275 275 MET MET A . n 
A 1 58 ASN 58 276 276 ASN ASN A . n 
A 1 59 THR 59 277 277 THR THR A . n 
A 1 60 LEU 60 278 278 LEU LEU A . n 
A 1 61 PHE 61 279 279 PHE PHE A . n 
A 1 62 GLN 62 280 280 GLN GLN A . n 
A 1 63 SER 63 281 281 SER SER A . n 
A 1 64 MET 64 282 282 MET MET A . n 
A 1 65 ASN 65 283 283 ASN ASN A . n 
A 1 66 GLU 66 284 284 GLU GLU A . n 
A 1 67 MET 67 285 285 MET MET A . n 
A 1 68 THR 68 286 286 THR THR A . n 
A 1 69 GLU 69 287 287 GLU GLU A . n 
A 1 70 MET 70 288 288 MET MET A . n 
A 1 71 SER 71 289 289 SER SER A . n 
A 1 72 LEU 72 290 290 LEU LEU A . n 
A 1 73 THR 73 291 291 THR THR A . n 
A 1 74 VAL 74 292 292 VAL VAL A . n 
A 1 75 GLU 75 293 293 GLU GLU A . n 
A 1 76 ARG 76 294 294 ARG ARG A . n 
A 1 77 ASP 77 295 295 ASP ASP A . n 
A 1 78 GLY 78 296 296 GLY GLY A . n 
A 1 79 GLN 79 297 297 GLN GLN A . n 
A 1 80 GLN 80 298 298 GLN GLN A . n 
A 1 81 HIS 81 299 299 HIS HIS A . n 
A 1 82 ASP 82 300 300 ASP ASP A . n 
A 1 83 VAL 83 301 301 VAL VAL A . n 
A 1 84 TYR 84 302 302 TYR TYR A . n 
A 1 85 ILE 85 303 303 ILE ILE A . n 
A 1 86 GLN 86 304 304 GLN GLN A . n 
A 1 87 PHE 87 305 305 PHE PHE A . n 
# 
loop_
_pdbx_nonpoly_scheme.asym_id 
_pdbx_nonpoly_scheme.entity_id 
_pdbx_nonpoly_scheme.mon_id 
_pdbx_nonpoly_scheme.ndb_seq_num 
_pdbx_nonpoly_scheme.pdb_seq_num 
_pdbx_nonpoly_scheme.auth_seq_num 
_pdbx_nonpoly_scheme.pdb_mon_id 
_pdbx_nonpoly_scheme.auth_mon_id 
_pdbx_nonpoly_scheme.pdb_strand_id 
_pdbx_nonpoly_scheme.pdb_ins_code 
B 2 HOH 1   1   1   HOH HOH A . 
B 2 HOH 2   2   2   HOH HOH A . 
B 2 HOH 3   3   3   HOH HOH A . 
B 2 HOH 4   4   4   HOH HOH A . 
B 2 HOH 5   5   5   HOH HOH A . 
B 2 HOH 6   6   6   HOH HOH A . 
B 2 HOH 7   7   7   HOH HOH A . 
B 2 HOH 8   8   8   HOH HOH A . 
B 2 HOH 9   9   9   HOH HOH A . 
B 2 HOH 10  10  10  HOH HOH A . 
B 2 HOH 11  11  11  HOH HOH A . 
B 2 HOH 12  12  12  HOH HOH A . 
B 2 HOH 13  13  13  HOH HOH A . 
B 2 HOH 14  14  14  HOH HOH A . 
B 2 HOH 15  15  15  HOH HOH A . 
B 2 HOH 16  16  16  HOH HOH A . 
B 2 HOH 17  17  17  HOH HOH A . 
B 2 HOH 18  18  18  HOH HOH A . 
B 2 HOH 19  19  19  HOH HOH A . 
B 2 HOH 20  20  20  HOH HOH A . 
B 2 HOH 21  21  21  HOH HOH A . 
B 2 HOH 22  22  22  HOH HOH A . 
B 2 HOH 23  23  23  HOH HOH A . 
B 2 HOH 24  24  24  HOH HOH A . 
B 2 HOH 25  25  25  HOH HOH A . 
B 2 HOH 26  26  26  HOH HOH A . 
B 2 HOH 27  27  27  HOH HOH A . 
B 2 HOH 28  28  28  HOH HOH A . 
B 2 HOH 29  29  29  HOH HOH A . 
B 2 HOH 30  30  30  HOH HOH A . 
B 2 HOH 31  31  31  HOH HOH A . 
B 2 HOH 32  32  32  HOH HOH A . 
B 2 HOH 33  33  33  HOH HOH A . 
B 2 HOH 34  34  34  HOH HOH A . 
B 2 HOH 35  35  35  HOH HOH A . 
B 2 HOH 36  36  36  HOH HOH A . 
B 2 HOH 37  37  37  HOH HOH A . 
B 2 HOH 38  38  38  HOH HOH A . 
B 2 HOH 39  39  39  HOH HOH A . 
B 2 HOH 40  40  40  HOH HOH A . 
B 2 HOH 41  41  41  HOH HOH A . 
B 2 HOH 42  42  42  HOH HOH A . 
B 2 HOH 43  43  43  HOH HOH A . 
B 2 HOH 44  44  44  HOH HOH A . 
B 2 HOH 45  45  45  HOH HOH A . 
B 2 HOH 46  46  46  HOH HOH A . 
B 2 HOH 47  47  47  HOH HOH A . 
B 2 HOH 48  48  48  HOH HOH A . 
B 2 HOH 49  49  49  HOH HOH A . 
B 2 HOH 50  50  50  HOH HOH A . 
B 2 HOH 51  51  51  HOH HOH A . 
B 2 HOH 52  52  52  HOH HOH A . 
B 2 HOH 53  53  53  HOH HOH A . 
B 2 HOH 54  54  54  HOH HOH A . 
B 2 HOH 55  55  55  HOH HOH A . 
B 2 HOH 56  56  56  HOH HOH A . 
B 2 HOH 57  57  57  HOH HOH A . 
B 2 HOH 58  58  58  HOH HOH A . 
B 2 HOH 59  59  59  HOH HOH A . 
B 2 HOH 60  60  60  HOH HOH A . 
B 2 HOH 61  61  61  HOH HOH A . 
B 2 HOH 62  62  62  HOH HOH A . 
B 2 HOH 63  63  63  HOH HOH A . 
B 2 HOH 64  64  64  HOH HOH A . 
B 2 HOH 65  65  65  HOH HOH A . 
B 2 HOH 66  66  66  HOH HOH A . 
B 2 HOH 67  67  67  HOH HOH A . 
B 2 HOH 68  68  68  HOH HOH A . 
B 2 HOH 69  69  69  HOH HOH A . 
B 2 HOH 70  70  70  HOH HOH A . 
B 2 HOH 71  71  71  HOH HOH A . 
B 2 HOH 72  72  72  HOH HOH A . 
B 2 HOH 73  73  73  HOH HOH A . 
B 2 HOH 74  74  74  HOH HOH A . 
B 2 HOH 75  75  75  HOH HOH A . 
B 2 HOH 76  76  76  HOH HOH A . 
B 2 HOH 77  77  77  HOH HOH A . 
B 2 HOH 78  78  78  HOH HOH A . 
B 2 HOH 79  79  79  HOH HOH A . 
B 2 HOH 80  80  80  HOH HOH A . 
B 2 HOH 81  81  81  HOH HOH A . 
B 2 HOH 82  82  82  HOH HOH A . 
B 2 HOH 83  83  83  HOH HOH A . 
B 2 HOH 84  84  84  HOH HOH A . 
B 2 HOH 85  85  85  HOH HOH A . 
B 2 HOH 86  86  86  HOH HOH A . 
B 2 HOH 87  87  87  HOH HOH A . 
B 2 HOH 88  90  90  HOH HOH A . 
B 2 HOH 89  91  91  HOH HOH A . 
B 2 HOH 90  92  92  HOH HOH A . 
B 2 HOH 91  94  94  HOH HOH A . 
B 2 HOH 92  95  95  HOH HOH A . 
B 2 HOH 93  96  96  HOH HOH A . 
B 2 HOH 94  97  97  HOH HOH A . 
B 2 HOH 95  98  98  HOH HOH A . 
B 2 HOH 96  99  99  HOH HOH A . 
B 2 HOH 97  100 100 HOH HOH A . 
B 2 HOH 98  101 101 HOH HOH A . 
B 2 HOH 99  102 102 HOH HOH A . 
B 2 HOH 100 103 103 HOH HOH A . 
B 2 HOH 101 104 104 HOH HOH A . 
B 2 HOH 102 105 105 HOH HOH A . 
B 2 HOH 103 107 107 HOH HOH A . 
B 2 HOH 104 108 108 HOH HOH A . 
B 2 HOH 105 109 109 HOH HOH A . 
B 2 HOH 106 113 113 HOH HOH A . 
B 2 HOH 107 118 118 HOH HOH A . 
B 2 HOH 108 119 119 HOH HOH A . 
B 2 HOH 109 120 120 HOH HOH A . 
B 2 HOH 110 124 124 HOH HOH A . 
B 2 HOH 111 125 125 HOH HOH A . 
B 2 HOH 112 129 129 HOH HOH A . 
B 2 HOH 113 135 135 HOH HOH A . 
B 2 HOH 114 136 136 HOH HOH A . 
B 2 HOH 115 138 138 HOH HOH A . 
B 2 HOH 116 139 139 HOH HOH A . 
B 2 HOH 117 140 140 HOH HOH A . 
# 
loop_
_software.name 
_software.version 
_software.date 
_software.type 
_software.contact_author 
_software.contact_author_email 
_software.classification 
_software.location 
_software.language 
_software.citation_id 
_software.pdbx_ordinal 
DENZO       .         ?                package 'Zbyszek Otwinowski' zbyszek@mix.swmed.edu    'data reduction'  
http://www.lnls.br/infra/linhasluz/denzo-hkl.htm ?          ? 1 
SCALEPACK   .         ?                package 'Zbyszek Otwinowski' zbyszek@mix.swmed.edu    'data scaling'    
http://www.lnls.br/infra/linhasluz/denzo-hkl.htm ?          ? 2 
REFMAC      5.2.0019  ?                program 'Murshudov, G.N.'    ccp4@dl.ac.uk            refinement        
http://www.ccp4.ac.uk/main.html                  Fortran_77 ? 3 
PDB_EXTRACT 2.000     'April. 3, 2006' package PDB                  sw-help@rcsb.rutgers.edu 'data extraction' 
http://pdb.rutgers.edu/software/                 C++        ? 4 
DIP         'V. 2000' ?                ?       ?                    ?                        'data collection' ? ?          ? 5 
HKL-2000    .         ?                ?       ?                    ?                        'data scaling'    ? ?          ? 6 
SOLVE       .         ?                ?       ?                    ?                        phasing           ? ?          ? 7 
# 
_cell.entry_id           2I6V 
_cell.length_a           35.182 
_cell.length_b           44.884 
_cell.length_c           51.155 
_cell.angle_alpha        90.00 
_cell.angle_beta         90.00 
_cell.angle_gamma        90.00 
_cell.Z_PDB              4 
_cell.pdbx_unique_axis   ? 
_cell.length_a_esd       ? 
_cell.length_b_esd       ? 
_cell.length_c_esd       ? 
_cell.angle_alpha_esd    ? 
_cell.angle_beta_esd     ? 
_cell.angle_gamma_esd    ? 
# 
_symmetry.entry_id                         2I6V 
_symmetry.space_group_name_H-M             'P 21 21 21' 
_symmetry.pdbx_full_space_group_name_H-M   ? 
_symmetry.cell_setting                     ? 
_symmetry.Int_Tables_number                19 
_symmetry.space_group_name_Hall            ? 
# 
_exptl.crystals_number   1 
_exptl.entry_id          2I6V 
_exptl.method            'X-RAY DIFFRACTION' 
# 
_exptl_crystal.id                    1 
_exptl_crystal.density_meas          ? 
_exptl_crystal.density_Matthews      2.03 
_exptl_crystal.density_percent_sol   39.47 
_exptl_crystal.description           ? 
_exptl_crystal.F_000                 ? 
_exptl_crystal.preparation           ? 
# 
_exptl_crystal_grow.crystal_id      1 
_exptl_crystal_grow.method          'VAPOR DIFFUSION' 
_exptl_crystal_grow.pH              7.8 
_exptl_crystal_grow.temp            294 
_exptl_crystal_grow.pdbx_details    '1.9M ammonium sulfate, 0.2M Li sulfate, 0.1M Tris pH 7.8, vapor diffusion, temperature 294K' 
_exptl_crystal_grow.temp_details    ? 
_exptl_crystal_grow.pdbx_pH_range   . 
# 
loop_
_diffrn.id 
_diffrn.ambient_temp 
_diffrn.ambient_temp_details 
_diffrn.crystal_id 
1 100 ? 1 
2 ?   ? 1 
# 
_diffrn_detector.diffrn_id              1 
_diffrn_detector.detector               'IMAGE PLATE' 
_diffrn_detector.type                   'MAC Science DIP-2030B' 
_diffrn_detector.pdbx_collection_date   2005-05-03 
_diffrn_detector.details                'Osmic optics' 
# 
loop_
_diffrn_radiation.diffrn_id 
_diffrn_radiation.pdbx_diffrn_protocol 
_diffrn_radiation.monochromator 
_diffrn_radiation.wavelength_id 
_diffrn_radiation.pdbx_monochromatic_or_laue_m_l 
_diffrn_radiation.pdbx_scattering_type 
1 'SINGLE WAVELENGTH' ? 1 M x-ray 
2 'SINGLE WAVELENGTH' ? 1 M x-ray 
# 
_diffrn_radiation_wavelength.id           1 
_diffrn_radiation_wavelength.wavelength   1.5418 
_diffrn_radiation_wavelength.wt           1.0 
# 
_diffrn_source.diffrn_id                   1 
_diffrn_source.source                      'ROTATING ANODE' 
_diffrn_source.type                        OTHER 
_diffrn_source.pdbx_wavelength_list        1.5418 
_diffrn_source.pdbx_wavelength             ? 
_diffrn_source.pdbx_synchrotron_site       ? 
_diffrn_source.pdbx_synchrotron_beamline   ? 
# 
_reflns.entry_id                     2I6V 
_reflns.d_resolution_high            1.630 
_reflns.d_resolution_low             50.000 
_reflns.number_obs                   10558 
_reflns.pdbx_Rmerge_I_obs            0.044 
_reflns.pdbx_netI_over_sigmaI        57.6 
_reflns.pdbx_chi_squared             2.614 
_reflns.pdbx_redundancy              5.400 
_reflns.percent_possible_obs         99.400 
_reflns.observed_criterion_sigma_F   ? 
_reflns.observed_criterion_sigma_I   ? 
_reflns.number_all                   ? 
_reflns.pdbx_Rsym_value              ? 
_reflns.B_iso_Wilson_estimate        17.5 
_reflns.R_free_details               ? 
_reflns.limit_h_max                  ? 
_reflns.limit_h_min                  ? 
_reflns.limit_k_max                  ? 
_reflns.limit_k_min                  ? 
_reflns.limit_l_max                  ? 
_reflns.limit_l_min                  ? 
_reflns.observed_criterion_F_max     ? 
_reflns.observed_criterion_F_min     ? 
_reflns.pdbx_scaling_rejects         ? 
_reflns.pdbx_diffrn_id               1,2 
_reflns.pdbx_ordinal                 1 
# 
_reflns_shell.d_res_high             1.63 
_reflns_shell.d_res_low              1.69 
_reflns_shell.number_measured_obs    ? 
_reflns_shell.number_measured_all    ? 
_reflns_shell.number_unique_obs      ? 
_reflns_shell.Rmerge_I_obs           0.187 
_reflns_shell.meanI_over_sigI_obs    16.7 
_reflns_shell.pdbx_Rsym_value        ? 
_reflns_shell.pdbx_chi_squared       3.484 
_reflns_shell.pdbx_redundancy        5.10 
_reflns_shell.percent_possible_obs   ? 
_reflns_shell.number_unique_all      1004 
_reflns_shell.percent_possible_all   97.30 
_reflns_shell.pdbx_diffrn_id         ? 
_reflns_shell.pdbx_ordinal           1 
# 
_refine.entry_id                                 2I6V 
_refine.ls_d_res_high                            1.630 
_refine.ls_d_res_low                             28.990 
_refine.pdbx_ls_sigma_F                          0.00 
_refine.ls_percent_reflns_obs                    99.460 
_refine.ls_number_reflns_obs                     10520 
_refine.pdbx_ls_cross_valid_method               THROUGHOUT 
_refine.pdbx_R_Free_selection_details            RANDOM 
_refine.details                                  'HYDROGENS HAVE BEEN ADDED IN THE RIDING POSITIONS' 
_refine.ls_R_factor_all                          0.171 
_refine.ls_R_factor_R_work                       0.17 
_refine.ls_R_factor_R_free                       0.203 
_refine.ls_percent_reflns_R_free                 4.800 
_refine.ls_number_reflns_R_free                  506 
_refine.B_iso_mean                               18.292 
_refine.aniso_B[1][1]                            -0.170 
_refine.aniso_B[2][2]                            0.110 
_refine.aniso_B[3][3]                            0.060 
_refine.aniso_B[1][2]                            0.000 
_refine.aniso_B[1][3]                            0.000 
_refine.aniso_B[2][3]                            0.000 
_refine.correlation_coeff_Fo_to_Fc               0.963 
_refine.correlation_coeff_Fo_to_Fc_free          0.952 
_refine.pdbx_overall_ESU_R                       0.099 
_refine.pdbx_overall_ESU_R_Free                  0.097 
_refine.overall_SU_ML                            0.062 
_refine.overall_SU_B                             1.732 
_refine.solvent_model_details                    MASK 
_refine.pdbx_solvent_vdw_probe_radii             1.400 
_refine.pdbx_solvent_ion_probe_radii             0.800 
_refine.pdbx_solvent_shrinkage_radii             0.800 
_refine.pdbx_stereochemistry_target_values       'MAXIMUM LIKELIHOOD' 
_refine.pdbx_ls_sigma_I                          ? 
_refine.ls_number_reflns_all                     ? 
_refine.ls_R_factor_obs                          ? 
_refine.ls_redundancy_reflns_obs                 ? 
_refine.pdbx_data_cutoff_high_absF               ? 
_refine.pdbx_data_cutoff_low_absF                ? 
_refine.ls_number_parameters                     ? 
_refine.ls_number_restraints                     ? 
_refine.ls_R_factor_R_free_error                 ? 
_refine.ls_R_factor_R_free_error_details         ? 
_refine.pdbx_method_to_determine_struct          SAD 
_refine.pdbx_starting_model                      ? 
_refine.pdbx_stereochem_target_val_spec_case     ? 
_refine.solvent_model_param_bsol                 ? 
_refine.solvent_model_param_ksol                 ? 
_refine.occupancy_max                            ? 
_refine.occupancy_min                            ? 
_refine.pdbx_isotropic_thermal_model             ? 
_refine.B_iso_min                                ? 
_refine.B_iso_max                                ? 
_refine.overall_SU_R_Cruickshank_DPI             ? 
_refine.overall_SU_R_free                        ? 
_refine.pdbx_data_cutoff_high_rms_absF           ? 
_refine.ls_wR_factor_R_free                      ? 
_refine.ls_wR_factor_R_work                      ? 
_refine.overall_FOM_free_R_set                   ? 
_refine.overall_FOM_work_R_set                   ? 
_refine.pdbx_refine_id                           'X-RAY DIFFRACTION' 
_refine.pdbx_diffrn_id                           1 
_refine.pdbx_TLS_residual_ADP_flag               ? 
_refine.pdbx_overall_phase_error                 ? 
_refine.pdbx_overall_SU_R_free_Cruickshank_DPI   ? 
_refine.pdbx_overall_SU_R_Blow_DPI               ? 
_refine.pdbx_overall_SU_R_free_Blow_DPI          ? 
# 
_refine_hist.pdbx_refine_id                   'X-RAY DIFFRACTION' 
_refine_hist.cycle_id                         LAST 
_refine_hist.pdbx_number_atoms_protein        707 
_refine_hist.pdbx_number_atoms_nucleic_acid   0 
_refine_hist.pdbx_number_atoms_ligand         0 
_refine_hist.number_atoms_solvent             117 
_refine_hist.number_atoms_total               824 
_refine_hist.d_res_high                       1.630 
_refine_hist.d_res_low                        28.990 
# 
loop_
_refine_ls_restr.type 
_refine_ls_restr.number 
_refine_ls_restr.dev_ideal 
_refine_ls_restr.dev_ideal_target 
_refine_ls_restr.weight 
_refine_ls_restr.pdbx_refine_id 
_refine_ls_restr.pdbx_restraint_function 
r_bond_refined_d         719 0.006  0.022  ? 'X-RAY DIFFRACTION' ? 
r_angle_refined_deg      973 1.108  1.970  ? 'X-RAY DIFFRACTION' ? 
r_dihedral_angle_1_deg   88  5.630  5.000  ? 'X-RAY DIFFRACTION' ? 
r_dihedral_angle_2_deg   39  32.708 25.641 ? 'X-RAY DIFFRACTION' ? 
r_dihedral_angle_3_deg   129 12.380 15.000 ? 'X-RAY DIFFRACTION' ? 
r_dihedral_angle_4_deg   4   14.396 15.000 ? 'X-RAY DIFFRACTION' ? 
r_chiral_restr           107 0.079  0.200  ? 'X-RAY DIFFRACTION' ? 
r_gen_planes_refined     558 0.003  0.020  ? 'X-RAY DIFFRACTION' ? 
r_nbd_refined            267 0.222  0.300  ? 'X-RAY DIFFRACTION' ? 
r_nbtor_refined          496 0.321  0.500  ? 'X-RAY DIFFRACTION' ? 
r_xyhbond_nbd_refined    149 0.173  0.500  ? 'X-RAY DIFFRACTION' ? 
r_symmetry_vdw_refined   53  0.123  0.300  ? 'X-RAY DIFFRACTION' ? 
r_symmetry_hbond_refined 31  0.181  0.500  ? 'X-RAY DIFFRACTION' ? 
r_mcbond_it              450 1.809  4.000  ? 'X-RAY DIFFRACTION' ? 
r_mcangle_it             711 2.601  6.000  ? 'X-RAY DIFFRACTION' ? 
r_scbond_it              297 2.781  6.000  ? 'X-RAY DIFFRACTION' ? 
r_scangle_it             262 4.302  8.000  ? 'X-RAY DIFFRACTION' ? 
# 
_refine_ls_shell.d_res_high                       1.630 
_refine_ls_shell.d_res_low                        1.672 
_refine_ls_shell.pdbx_total_number_of_bins_used   20 
_refine_ls_shell.percent_reflns_obs               97.510 
_refine_ls_shell.number_reflns_R_work             693 
_refine_ls_shell.R_factor_all                     ? 
_refine_ls_shell.R_factor_R_work                  0.234 
_refine_ls_shell.R_factor_R_free                  0.345 
_refine_ls_shell.percent_reflns_R_free            ? 
_refine_ls_shell.number_reflns_R_free             52 
_refine_ls_shell.R_factor_R_free_error            ? 
_refine_ls_shell.number_reflns_all                ? 
_refine_ls_shell.number_reflns_obs                745 
_refine_ls_shell.redundancy_reflns_obs            ? 
_refine_ls_shell.pdbx_refine_id                   'X-RAY DIFFRACTION' 
# 
_struct.entry_id                  2I6V 
_struct.title                     'PDZ domain of EpsC from Vibrio cholerae, residues 219-305' 
_struct.pdbx_model_details        ? 
_struct.pdbx_CASP_flag            ? 
_struct.pdbx_model_type_details   ? 
# 
_struct_keywords.entry_id        2I6V 
_struct_keywords.text            
'EpsC, GspC, PDZ domain, Type 2 Secretion System, General Secretion Pathway, PROTEIN TRANSPORT, MEMBRANE PROTEIN' 
_struct_keywords.pdbx_keywords   'PROTEIN TRANSPORT, MEMBRANE PROTEIN' 
# 
loop_
_struct_asym.id 
_struct_asym.pdbx_blank_PDB_chainid_flag 
_struct_asym.pdbx_modified 
_struct_asym.entity_id 
_struct_asym.details 
A N N 1 ? 
B N N 2 ? 
# 
_struct_ref.id                         1 
_struct_ref.db_name                    UNP 
_struct_ref.db_code                    GSPC_VIBCH 
_struct_ref.pdbx_db_accession          P45777 
_struct_ref.entity_id                  1 
_struct_ref.pdbx_align_begin           219 
_struct_ref.pdbx_db_isoform            ? 
_struct_ref.pdbx_seq_one_letter_code   ? 
# 
_struct_ref_seq.align_id                      1 
_struct_ref_seq.ref_id                        1 
_struct_ref_seq.pdbx_PDB_id_code              2I6V 
_struct_ref_seq.pdbx_strand_id                A 
_struct_ref_seq.seq_align_beg                 1 
_struct_ref_seq.pdbx_seq_align_beg_ins_code   ? 
_struct_ref_seq.seq_align_end                 87 
_struct_ref_seq.pdbx_seq_align_end_ins_code   ? 
_struct_ref_seq.pdbx_db_accession             P45777 
_struct_ref_seq.db_align_beg                  219 
_struct_ref_seq.pdbx_db_align_beg_ins_code    ? 
_struct_ref_seq.db_align_end                  305 
_struct_ref_seq.pdbx_db_align_end_ins_code    ? 
_struct_ref_seq.pdbx_auth_seq_align_beg       219 
_struct_ref_seq.pdbx_auth_seq_align_end       305 
# 
_pdbx_struct_assembly.id                   1 
_pdbx_struct_assembly.details              author_defined_assembly 
_pdbx_struct_assembly.method_details       ? 
_pdbx_struct_assembly.oligomeric_details   monomeric 
_pdbx_struct_assembly.oligomeric_count     1 
# 
_pdbx_struct_assembly_gen.assembly_id       1 
_pdbx_struct_assembly_gen.oper_expression   1 
_pdbx_struct_assembly_gen.asym_id_list      A,B 
# 
_pdbx_struct_oper_list.id                   1 
_pdbx_struct_oper_list.type                 'identity operation' 
_pdbx_struct_oper_list.name                 1_555 
_pdbx_struct_oper_list.symmetry_operation   x,y,z 
_pdbx_struct_oper_list.matrix[1][1]         1.0000000000 
_pdbx_struct_oper_list.matrix[1][2]         0.0000000000 
_pdbx_struct_oper_list.matrix[1][3]         0.0000000000 
_pdbx_struct_oper_list.vector[1]            0.0000000000 
_pdbx_struct_oper_list.matrix[2][1]         0.0000000000 
_pdbx_struct_oper_list.matrix[2][2]         1.0000000000 
_pdbx_struct_oper_list.matrix[2][3]         0.0000000000 
_pdbx_struct_oper_list.vector[2]            0.0000000000 
_pdbx_struct_oper_list.matrix[3][1]         0.0000000000 
_pdbx_struct_oper_list.matrix[3][2]         0.0000000000 
_pdbx_struct_oper_list.matrix[3][3]         1.0000000000 
_pdbx_struct_oper_list.vector[3]            0.0000000000 
# 
loop_
_struct_conf.conf_type_id 
_struct_conf.id 
_struct_conf.pdbx_PDB_helix_id 
_struct_conf.beg_label_comp_id 
_struct_conf.beg_label_asym_id 
_struct_conf.beg_label_seq_id 
_struct_conf.pdbx_beg_PDB_ins_code 
_struct_conf.end_label_comp_id 
_struct_conf.end_label_asym_id 
_struct_conf.end_label_seq_id 
_struct_conf.pdbx_end_PDB_ins_code 
_struct_conf.beg_auth_comp_id 
_struct_conf.beg_auth_asym_id 
_struct_conf.beg_auth_seq_id 
_struct_conf.end_auth_comp_id 
_struct_conf.end_auth_asym_id 
_struct_conf.end_auth_seq_id 
_struct_conf.pdbx_PDB_helix_class 
_struct_conf.details 
_struct_conf.pdbx_PDB_helix_length 
HELX_P HELX_P1 1 GLU A 2  ? GLN A 5  ? GLU A 220 GLN A 223 5 ? 4  
HELX_P HELX_P2 2 ASP A 28 ? ILE A 35 ? ASP A 246 ILE A 253 1 ? 8  
HELX_P HELX_P3 3 ASP A 53 ? SER A 63 ? ASP A 271 SER A 281 1 ? 11 
HELX_P HELX_P4 4 MET A 64 ? MET A 67 ? MET A 282 MET A 285 5 ? 4  
# 
_struct_conf_type.id          HELX_P 
_struct_conf_type.criteria    ? 
_struct_conf_type.reference   ? 
# 
loop_
_struct_sheet.id 
_struct_sheet.type 
_struct_sheet.number_strands 
_struct_sheet.details 
A ? 4 ? 
B ? 5 ? 
# 
loop_
_struct_sheet_order.sheet_id 
_struct_sheet_order.range_id_1 
_struct_sheet_order.range_id_2 
_struct_sheet_order.offset 
_struct_sheet_order.sense 
A 1 2 ? anti-parallel 
A 2 3 ? anti-parallel 
A 3 4 ? anti-parallel 
B 1 2 ? anti-parallel 
B 2 3 ? anti-parallel 
B 3 4 ? anti-parallel 
B 4 5 ? anti-parallel 
# 
loop_
_struct_sheet_range.sheet_id 
_struct_sheet_range.id 
_struct_sheet_range.beg_label_comp_id 
_struct_sheet_range.beg_label_asym_id 
_struct_sheet_range.beg_label_seq_id 
_struct_sheet_range.pdbx_beg_PDB_ins_code 
_struct_sheet_range.end_label_comp_id 
_struct_sheet_range.end_label_asym_id 
_struct_sheet_range.end_label_seq_id 
_struct_sheet_range.pdbx_end_PDB_ins_code 
_struct_sheet_range.beg_auth_comp_id 
_struct_sheet_range.beg_auth_asym_id 
_struct_sheet_range.beg_auth_seq_id 
_struct_sheet_range.end_auth_comp_id 
_struct_sheet_range.end_auth_asym_id 
_struct_sheet_range.end_auth_seq_id 
A 1 VAL A 7  ? ARG A 14 ? VAL A 225 ARG A 232 
A 2 LYS A 17 ? PRO A 25 ? LYS A 235 PRO A 243 
A 3 MET A 42 ? LEU A 46 ? MET A 260 LEU A 264 
A 4 LEU A 49 ? ASP A 50 ? LEU A 267 ASP A 268 
B 1 VAL A 7  ? ARG A 14 ? VAL A 225 ARG A 232 
B 2 LYS A 17 ? PRO A 25 ? LYS A 235 PRO A 243 
B 3 MET A 42 ? LEU A 46 ? MET A 260 LEU A 264 
B 4 GLU A 69 ? ARG A 76 ? GLU A 287 ARG A 294 
B 5 GLN A 79 ? GLN A 86 ? GLN A 297 GLN A 304 
# 
loop_
_pdbx_struct_sheet_hbond.sheet_id 
_pdbx_struct_sheet_hbond.range_id_1 
_pdbx_struct_sheet_hbond.range_id_2 
_pdbx_struct_sheet_hbond.range_1_label_atom_id 
_pdbx_struct_sheet_hbond.range_1_label_comp_id 
_pdbx_struct_sheet_hbond.range_1_label_asym_id 
_pdbx_struct_sheet_hbond.range_1_label_seq_id 
_pdbx_struct_sheet_hbond.range_1_PDB_ins_code 
_pdbx_struct_sheet_hbond.range_1_auth_atom_id 
_pdbx_struct_sheet_hbond.range_1_auth_comp_id 
_pdbx_struct_sheet_hbond.range_1_auth_asym_id 
_pdbx_struct_sheet_hbond.range_1_auth_seq_id 
_pdbx_struct_sheet_hbond.range_2_label_atom_id 
_pdbx_struct_sheet_hbond.range_2_label_comp_id 
_pdbx_struct_sheet_hbond.range_2_label_asym_id 
_pdbx_struct_sheet_hbond.range_2_label_seq_id 
_pdbx_struct_sheet_hbond.range_2_PDB_ins_code 
_pdbx_struct_sheet_hbond.range_2_auth_atom_id 
_pdbx_struct_sheet_hbond.range_2_auth_comp_id 
_pdbx_struct_sheet_hbond.range_2_auth_asym_id 
_pdbx_struct_sheet_hbond.range_2_auth_seq_id 
A 1 2 N VAL A 12 ? N VAL A 230 O LEU A 19 ? O LEU A 237 
A 2 3 N TYR A 21 ? N TYR A 239 O ALA A 43 ? O ALA A 261 
A 3 4 N LEU A 46 ? N LEU A 264 O LEU A 49 ? O LEU A 267 
B 1 2 N VAL A 12 ? N VAL A 230 O LEU A 19 ? O LEU A 237 
B 2 3 N TYR A 21 ? N TYR A 239 O ALA A 43 ? O ALA A 261 
B 3 4 N VAL A 44 ? N VAL A 262 O THR A 73 ? O THR A 291 
B 4 5 N MET A 70 ? N MET A 288 O ILE A 85 ? O ILE A 303 
# 
loop_
_pdbx_validate_torsion.id 
_pdbx_validate_torsion.PDB_model_num 
_pdbx_validate_torsion.auth_comp_id 
_pdbx_validate_torsion.auth_asym_id 
_pdbx_validate_torsion.auth_seq_id 
_pdbx_validate_torsion.PDB_ins_code 
_pdbx_validate_torsion.label_alt_id 
_pdbx_validate_torsion.phi 
_pdbx_validate_torsion.psi 
1 1 GLU A 220 ? ? -116.00 79.90   
2 1 ASP A 233 ? ? 60.90   -114.70 
# 
_diffrn_reflns.diffrn_id                   1 
_diffrn_reflns.pdbx_d_res_high             1.450 
_diffrn_reflns.pdbx_d_res_low              33.911 
_diffrn_reflns.pdbx_number_obs             10912 
_diffrn_reflns.pdbx_Rmerge_I_obs           0.070 
_diffrn_reflns.pdbx_Rsym_value             0.070 
_diffrn_reflns.pdbx_chi_squared            2.61 
_diffrn_reflns.av_sigmaI_over_netI         7.10 
_diffrn_reflns.pdbx_redundancy             6.80 
_diffrn_reflns.pdbx_percent_possible_obs   72.80 
_diffrn_reflns.number                      74457 
_diffrn_reflns.pdbx_observed_criterion     ? 
_diffrn_reflns.limit_h_max                 ? 
_diffrn_reflns.limit_h_min                 ? 
_diffrn_reflns.limit_k_max                 ? 
_diffrn_reflns.limit_k_min                 ? 
_diffrn_reflns.limit_l_max                 ? 
_diffrn_reflns.limit_l_min                 ? 
# 
loop_
_pdbx_diffrn_reflns_shell.diffrn_id 
_pdbx_diffrn_reflns_shell.d_res_high 
_pdbx_diffrn_reflns_shell.d_res_low 
_pdbx_diffrn_reflns_shell.number_obs 
_pdbx_diffrn_reflns_shell.rejects 
_pdbx_diffrn_reflns_shell.Rmerge_I_obs 
_pdbx_diffrn_reflns_shell.Rsym_value 
_pdbx_diffrn_reflns_shell.chi_squared 
_pdbx_diffrn_reflns_shell.redundancy 
_pdbx_diffrn_reflns_shell.percent_possible_obs 
1 4.59 20.73 ? ? 0.052 0.052 2.670 6.00 95.00 
1 3.24 4.59  ? ? 0.046 0.046 2.522 6.60 98.90 
1 2.65 3.24  ? ? 0.049 0.049 2.500 7.00 97.90 
1 2.29 2.65  ? ? 0.066 0.066 2.414 7.10 97.70 
1 2.05 2.29  ? ? 0.084 0.084 2.425 7.10 97.70 
1 1.87 2.05  ? ? 0.114 0.114 2.377 7.20 96.60 
1 1.73 1.87  ? ? 0.163 0.163 2.495 7.10 91.80 
1 1.62 1.73  ? ? 0.262 0.262 2.604 6.60 59.60 
1 1.53 1.62  ? ? 0.349 0.349 2.787 6.30 37.00 
1 1.45 1.53  ? ? 0.526 0.526 3.484 5.00 24.10 
# 
loop_
_chem_comp_atom.comp_id 
_chem_comp_atom.atom_id 
_chem_comp_atom.type_symbol 
_chem_comp_atom.pdbx_aromatic_flag 
_chem_comp_atom.pdbx_stereo_config 
_chem_comp_atom.pdbx_ordinal 
ALA N    N N N 1   
ALA CA   C N S 2   
ALA C    C N N 3   
ALA O    O N N 4   
ALA CB   C N N 5   
ALA OXT  O N N 6   
ALA H    H N N 7   
ALA H2   H N N 8   
ALA HA   H N N 9   
ALA HB1  H N N 10  
ALA HB2  H N N 11  
ALA HB3  H N N 12  
ALA HXT  H N N 13  
ARG N    N N N 14  
ARG CA   C N S 15  
ARG C    C N N 16  
ARG O    O N N 17  
ARG CB   C N N 18  
ARG CG   C N N 19  
ARG CD   C N N 20  
ARG NE   N N N 21  
ARG CZ   C N N 22  
ARG NH1  N N N 23  
ARG NH2  N N N 24  
ARG OXT  O N N 25  
ARG H    H N N 26  
ARG H2   H N N 27  
ARG HA   H N N 28  
ARG HB2  H N N 29  
ARG HB3  H N N 30  
ARG HG2  H N N 31  
ARG HG3  H N N 32  
ARG HD2  H N N 33  
ARG HD3  H N N 34  
ARG HE   H N N 35  
ARG HH11 H N N 36  
ARG HH12 H N N 37  
ARG HH21 H N N 38  
ARG HH22 H N N 39  
ARG HXT  H N N 40  
ASN N    N N N 41  
ASN CA   C N S 42  
ASN C    C N N 43  
ASN O    O N N 44  
ASN CB   C N N 45  
ASN CG   C N N 46  
ASN OD1  O N N 47  
ASN ND2  N N N 48  
ASN OXT  O N N 49  
ASN H    H N N 50  
ASN H2   H N N 51  
ASN HA   H N N 52  
ASN HB2  H N N 53  
ASN HB3  H N N 54  
ASN HD21 H N N 55  
ASN HD22 H N N 56  
ASN HXT  H N N 57  
ASP N    N N N 58  
ASP CA   C N S 59  
ASP C    C N N 60  
ASP O    O N N 61  
ASP CB   C N N 62  
ASP CG   C N N 63  
ASP OD1  O N N 64  
ASP OD2  O N N 65  
ASP OXT  O N N 66  
ASP H    H N N 67  
ASP H2   H N N 68  
ASP HA   H N N 69  
ASP HB2  H N N 70  
ASP HB3  H N N 71  
ASP HD2  H N N 72  
ASP HXT  H N N 73  
GLN N    N N N 74  
GLN CA   C N S 75  
GLN C    C N N 76  
GLN O    O N N 77  
GLN CB   C N N 78  
GLN CG   C N N 79  
GLN CD   C N N 80  
GLN OE1  O N N 81  
GLN NE2  N N N 82  
GLN OXT  O N N 83  
GLN H    H N N 84  
GLN H2   H N N 85  
GLN HA   H N N 86  
GLN HB2  H N N 87  
GLN HB3  H N N 88  
GLN HG2  H N N 89  
GLN HG3  H N N 90  
GLN HE21 H N N 91  
GLN HE22 H N N 92  
GLN HXT  H N N 93  
GLU N    N N N 94  
GLU CA   C N S 95  
GLU C    C N N 96  
GLU O    O N N 97  
GLU CB   C N N 98  
GLU CG   C N N 99  
GLU CD   C N N 100 
GLU OE1  O N N 101 
GLU OE2  O N N 102 
GLU OXT  O N N 103 
GLU H    H N N 104 
GLU H2   H N N 105 
GLU HA   H N N 106 
GLU HB2  H N N 107 
GLU HB3  H N N 108 
GLU HG2  H N N 109 
GLU HG3  H N N 110 
GLU HE2  H N N 111 
GLU HXT  H N N 112 
GLY N    N N N 113 
GLY CA   C N N 114 
GLY C    C N N 115 
GLY O    O N N 116 
GLY OXT  O N N 117 
GLY H    H N N 118 
GLY H2   H N N 119 
GLY HA2  H N N 120 
GLY HA3  H N N 121 
GLY HXT  H N N 122 
HIS N    N N N 123 
HIS CA   C N S 124 
HIS C    C N N 125 
HIS O    O N N 126 
HIS CB   C N N 127 
HIS CG   C Y N 128 
HIS ND1  N Y N 129 
HIS CD2  C Y N 130 
HIS CE1  C Y N 131 
HIS NE2  N Y N 132 
HIS OXT  O N N 133 
HIS H    H N N 134 
HIS H2   H N N 135 
HIS HA   H N N 136 
HIS HB2  H N N 137 
HIS HB3  H N N 138 
HIS HD1  H N N 139 
HIS HD2  H N N 140 
HIS HE1  H N N 141 
HIS HE2  H N N 142 
HIS HXT  H N N 143 
HOH O    O N N 144 
HOH H1   H N N 145 
HOH H2   H N N 146 
ILE N    N N N 147 
ILE CA   C N S 148 
ILE C    C N N 149 
ILE O    O N N 150 
ILE CB   C N S 151 
ILE CG1  C N N 152 
ILE CG2  C N N 153 
ILE CD1  C N N 154 
ILE OXT  O N N 155 
ILE H    H N N 156 
ILE H2   H N N 157 
ILE HA   H N N 158 
ILE HB   H N N 159 
ILE HG12 H N N 160 
ILE HG13 H N N 161 
ILE HG21 H N N 162 
ILE HG22 H N N 163 
ILE HG23 H N N 164 
ILE HD11 H N N 165 
ILE HD12 H N N 166 
ILE HD13 H N N 167 
ILE HXT  H N N 168 
LEU N    N N N 169 
LEU CA   C N S 170 
LEU C    C N N 171 
LEU O    O N N 172 
LEU CB   C N N 173 
LEU CG   C N N 174 
LEU CD1  C N N 175 
LEU CD2  C N N 176 
LEU OXT  O N N 177 
LEU H    H N N 178 
LEU H2   H N N 179 
LEU HA   H N N 180 
LEU HB2  H N N 181 
LEU HB3  H N N 182 
LEU HG   H N N 183 
LEU HD11 H N N 184 
LEU HD12 H N N 185 
LEU HD13 H N N 186 
LEU HD21 H N N 187 
LEU HD22 H N N 188 
LEU HD23 H N N 189 
LEU HXT  H N N 190 
LYS N    N N N 191 
LYS CA   C N S 192 
LYS C    C N N 193 
LYS O    O N N 194 
LYS CB   C N N 195 
LYS CG   C N N 196 
LYS CD   C N N 197 
LYS CE   C N N 198 
LYS NZ   N N N 199 
LYS OXT  O N N 200 
LYS H    H N N 201 
LYS H2   H N N 202 
LYS HA   H N N 203 
LYS HB2  H N N 204 
LYS HB3  H N N 205 
LYS HG2  H N N 206 
LYS HG3  H N N 207 
LYS HD2  H N N 208 
LYS HD3  H N N 209 
LYS HE2  H N N 210 
LYS HE3  H N N 211 
LYS HZ1  H N N 212 
LYS HZ2  H N N 213 
LYS HZ3  H N N 214 
LYS HXT  H N N 215 
MET N    N N N 216 
MET CA   C N S 217 
MET C    C N N 218 
MET O    O N N 219 
MET CB   C N N 220 
MET CG   C N N 221 
MET SD   S N N 222 
MET CE   C N N 223 
MET OXT  O N N 224 
MET H    H N N 225 
MET H2   H N N 226 
MET HA   H N N 227 
MET HB2  H N N 228 
MET HB3  H N N 229 
MET HG2  H N N 230 
MET HG3  H N N 231 
MET HE1  H N N 232 
MET HE2  H N N 233 
MET HE3  H N N 234 
MET HXT  H N N 235 
PHE N    N N N 236 
PHE CA   C N S 237 
PHE C    C N N 238 
PHE O    O N N 239 
PHE CB   C N N 240 
PHE CG   C Y N 241 
PHE CD1  C Y N 242 
PHE CD2  C Y N 243 
PHE CE1  C Y N 244 
PHE CE2  C Y N 245 
PHE CZ   C Y N 246 
PHE OXT  O N N 247 
PHE H    H N N 248 
PHE H2   H N N 249 
PHE HA   H N N 250 
PHE HB2  H N N 251 
PHE HB3  H N N 252 
PHE HD1  H N N 253 
PHE HD2  H N N 254 
PHE HE1  H N N 255 
PHE HE2  H N N 256 
PHE HZ   H N N 257 
PHE HXT  H N N 258 
PRO N    N N N 259 
PRO CA   C N S 260 
PRO C    C N N 261 
PRO O    O N N 262 
PRO CB   C N N 263 
PRO CG   C N N 264 
PRO CD   C N N 265 
PRO OXT  O N N 266 
PRO H    H N N 267 
PRO HA   H N N 268 
PRO HB2  H N N 269 
PRO HB3  H N N 270 
PRO HG2  H N N 271 
PRO HG3  H N N 272 
PRO HD2  H N N 273 
PRO HD3  H N N 274 
PRO HXT  H N N 275 
SER N    N N N 276 
SER CA   C N S 277 
SER C    C N N 278 
SER O    O N N 279 
SER CB   C N N 280 
SER OG   O N N 281 
SER OXT  O N N 282 
SER H    H N N 283 
SER H2   H N N 284 
SER HA   H N N 285 
SER HB2  H N N 286 
SER HB3  H N N 287 
SER HG   H N N 288 
SER HXT  H N N 289 
THR N    N N N 290 
THR CA   C N S 291 
THR C    C N N 292 
THR O    O N N 293 
THR CB   C N R 294 
THR OG1  O N N 295 
THR CG2  C N N 296 
THR OXT  O N N 297 
THR H    H N N 298 
THR H2   H N N 299 
THR HA   H N N 300 
THR HB   H N N 301 
THR HG1  H N N 302 
THR HG21 H N N 303 
THR HG22 H N N 304 
THR HG23 H N N 305 
THR HXT  H N N 306 
TYR N    N N N 307 
TYR CA   C N S 308 
TYR C    C N N 309 
TYR O    O N N 310 
TYR CB   C N N 311 
TYR CG   C Y N 312 
TYR CD1  C Y N 313 
TYR CD2  C Y N 314 
TYR CE1  C Y N 315 
TYR CE2  C Y N 316 
TYR CZ   C Y N 317 
TYR OH   O N N 318 
TYR OXT  O N N 319 
TYR H    H N N 320 
TYR H2   H N N 321 
TYR HA   H N N 322 
TYR HB2  H N N 323 
TYR HB3  H N N 324 
TYR HD1  H N N 325 
TYR HD2  H N N 326 
TYR HE1  H N N 327 
TYR HE2  H N N 328 
TYR HH   H N N 329 
TYR HXT  H N N 330 
VAL N    N N N 331 
VAL CA   C N S 332 
VAL C    C N N 333 
VAL O    O N N 334 
VAL CB   C N N 335 
VAL CG1  C N N 336 
VAL CG2  C N N 337 
VAL OXT  O N N 338 
VAL H    H N N 339 
VAL H2   H N N 340 
VAL HA   H N N 341 
VAL HB   H N N 342 
VAL HG11 H N N 343 
VAL HG12 H N N 344 
VAL HG13 H N N 345 
VAL HG21 H N N 346 
VAL HG22 H N N 347 
VAL HG23 H N N 348 
VAL HXT  H N N 349 
# 
loop_
_chem_comp_bond.comp_id 
_chem_comp_bond.atom_id_1 
_chem_comp_bond.atom_id_2 
_chem_comp_bond.value_order 
_chem_comp_bond.pdbx_aromatic_flag 
_chem_comp_bond.pdbx_stereo_config 
_chem_comp_bond.pdbx_ordinal 
ALA N   CA   sing N N 1   
ALA N   H    sing N N 2   
ALA N   H2   sing N N 3   
ALA CA  C    sing N N 4   
ALA CA  CB   sing N N 5   
ALA CA  HA   sing N N 6   
ALA C   O    doub N N 7   
ALA C   OXT  sing N N 8   
ALA CB  HB1  sing N N 9   
ALA CB  HB2  sing N N 10  
ALA CB  HB3  sing N N 11  
ALA OXT HXT  sing N N 12  
ARG N   CA   sing N N 13  
ARG N   H    sing N N 14  
ARG N   H2   sing N N 15  
ARG CA  C    sing N N 16  
ARG CA  CB   sing N N 17  
ARG CA  HA   sing N N 18  
ARG C   O    doub N N 19  
ARG C   OXT  sing N N 20  
ARG CB  CG   sing N N 21  
ARG CB  HB2  sing N N 22  
ARG CB  HB3  sing N N 23  
ARG CG  CD   sing N N 24  
ARG CG  HG2  sing N N 25  
ARG CG  HG3  sing N N 26  
ARG CD  NE   sing N N 27  
ARG CD  HD2  sing N N 28  
ARG CD  HD3  sing N N 29  
ARG NE  CZ   sing N N 30  
ARG NE  HE   sing N N 31  
ARG CZ  NH1  sing N N 32  
ARG CZ  NH2  doub N N 33  
ARG NH1 HH11 sing N N 34  
ARG NH1 HH12 sing N N 35  
ARG NH2 HH21 sing N N 36  
ARG NH2 HH22 sing N N 37  
ARG OXT HXT  sing N N 38  
ASN N   CA   sing N N 39  
ASN N   H    sing N N 40  
ASN N   H2   sing N N 41  
ASN CA  C    sing N N 42  
ASN CA  CB   sing N N 43  
ASN CA  HA   sing N N 44  
ASN C   O    doub N N 45  
ASN C   OXT  sing N N 46  
ASN CB  CG   sing N N 47  
ASN CB  HB2  sing N N 48  
ASN CB  HB3  sing N N 49  
ASN CG  OD1  doub N N 50  
ASN CG  ND2  sing N N 51  
ASN ND2 HD21 sing N N 52  
ASN ND2 HD22 sing N N 53  
ASN OXT HXT  sing N N 54  
ASP N   CA   sing N N 55  
ASP N   H    sing N N 56  
ASP N   H2   sing N N 57  
ASP CA  C    sing N N 58  
ASP CA  CB   sing N N 59  
ASP CA  HA   sing N N 60  
ASP C   O    doub N N 61  
ASP C   OXT  sing N N 62  
ASP CB  CG   sing N N 63  
ASP CB  HB2  sing N N 64  
ASP CB  HB3  sing N N 65  
ASP CG  OD1  doub N N 66  
ASP CG  OD2  sing N N 67  
ASP OD2 HD2  sing N N 68  
ASP OXT HXT  sing N N 69  
GLN N   CA   sing N N 70  
GLN N   H    sing N N 71  
GLN N   H2   sing N N 72  
GLN CA  C    sing N N 73  
GLN CA  CB   sing N N 74  
GLN CA  HA   sing N N 75  
GLN C   O    doub N N 76  
GLN C   OXT  sing N N 77  
GLN CB  CG   sing N N 78  
GLN CB  HB2  sing N N 79  
GLN CB  HB3  sing N N 80  
GLN CG  CD   sing N N 81  
GLN CG  HG2  sing N N 82  
GLN CG  HG3  sing N N 83  
GLN CD  OE1  doub N N 84  
GLN CD  NE2  sing N N 85  
GLN NE2 HE21 sing N N 86  
GLN NE2 HE22 sing N N 87  
GLN OXT HXT  sing N N 88  
GLU N   CA   sing N N 89  
GLU N   H    sing N N 90  
GLU N   H2   sing N N 91  
GLU CA  C    sing N N 92  
GLU CA  CB   sing N N 93  
GLU CA  HA   sing N N 94  
GLU C   O    doub N N 95  
GLU C   OXT  sing N N 96  
GLU CB  CG   sing N N 97  
GLU CB  HB2  sing N N 98  
GLU CB  HB3  sing N N 99  
GLU CG  CD   sing N N 100 
GLU CG  HG2  sing N N 101 
GLU CG  HG3  sing N N 102 
GLU CD  OE1  doub N N 103 
GLU CD  OE2  sing N N 104 
GLU OE2 HE2  sing N N 105 
GLU OXT HXT  sing N N 106 
GLY N   CA   sing N N 107 
GLY N   H    sing N N 108 
GLY N   H2   sing N N 109 
GLY CA  C    sing N N 110 
GLY CA  HA2  sing N N 111 
GLY CA  HA3  sing N N 112 
GLY C   O    doub N N 113 
GLY C   OXT  sing N N 114 
GLY OXT HXT  sing N N 115 
HIS N   CA   sing N N 116 
HIS N   H    sing N N 117 
HIS N   H2   sing N N 118 
HIS CA  C    sing N N 119 
HIS CA  CB   sing N N 120 
HIS CA  HA   sing N N 121 
HIS C   O    doub N N 122 
HIS C   OXT  sing N N 123 
HIS CB  CG   sing N N 124 
HIS CB  HB2  sing N N 125 
HIS CB  HB3  sing N N 126 
HIS CG  ND1  sing Y N 127 
HIS CG  CD2  doub Y N 128 
HIS ND1 CE1  doub Y N 129 
HIS ND1 HD1  sing N N 130 
HIS CD2 NE2  sing Y N 131 
HIS CD2 HD2  sing N N 132 
HIS CE1 NE2  sing Y N 133 
HIS CE1 HE1  sing N N 134 
HIS NE2 HE2  sing N N 135 
HIS OXT HXT  sing N N 136 
HOH O   H1   sing N N 137 
HOH O   H2   sing N N 138 
ILE N   CA   sing N N 139 
ILE N   H    sing N N 140 
ILE N   H2   sing N N 141 
ILE CA  C    sing N N 142 
ILE CA  CB   sing N N 143 
ILE CA  HA   sing N N 144 
ILE C   O    doub N N 145 
ILE C   OXT  sing N N 146 
ILE CB  CG1  sing N N 147 
ILE CB  CG2  sing N N 148 
ILE CB  HB   sing N N 149 
ILE CG1 CD1  sing N N 150 
ILE CG1 HG12 sing N N 151 
ILE CG1 HG13 sing N N 152 
ILE CG2 HG21 sing N N 153 
ILE CG2 HG22 sing N N 154 
ILE CG2 HG23 sing N N 155 
ILE CD1 HD11 sing N N 156 
ILE CD1 HD12 sing N N 157 
ILE CD1 HD13 sing N N 158 
ILE OXT HXT  sing N N 159 
LEU N   CA   sing N N 160 
LEU N   H    sing N N 161 
LEU N   H2   sing N N 162 
LEU CA  C    sing N N 163 
LEU CA  CB   sing N N 164 
LEU CA  HA   sing N N 165 
LEU C   O    doub N N 166 
LEU C   OXT  sing N N 167 
LEU CB  CG   sing N N 168 
LEU CB  HB2  sing N N 169 
LEU CB  HB3  sing N N 170 
LEU CG  CD1  sing N N 171 
LEU CG  CD2  sing N N 172 
LEU CG  HG   sing N N 173 
LEU CD1 HD11 sing N N 174 
LEU CD1 HD12 sing N N 175 
LEU CD1 HD13 sing N N 176 
LEU CD2 HD21 sing N N 177 
LEU CD2 HD22 sing N N 178 
LEU CD2 HD23 sing N N 179 
LEU OXT HXT  sing N N 180 
LYS N   CA   sing N N 181 
LYS N   H    sing N N 182 
LYS N   H2   sing N N 183 
LYS CA  C    sing N N 184 
LYS CA  CB   sing N N 185 
LYS CA  HA   sing N N 186 
LYS C   O    doub N N 187 
LYS C   OXT  sing N N 188 
LYS CB  CG   sing N N 189 
LYS CB  HB2  sing N N 190 
LYS CB  HB3  sing N N 191 
LYS CG  CD   sing N N 192 
LYS CG  HG2  sing N N 193 
LYS CG  HG3  sing N N 194 
LYS CD  CE   sing N N 195 
LYS CD  HD2  sing N N 196 
LYS CD  HD3  sing N N 197 
LYS CE  NZ   sing N N 198 
LYS CE  HE2  sing N N 199 
LYS CE  HE3  sing N N 200 
LYS NZ  HZ1  sing N N 201 
LYS NZ  HZ2  sing N N 202 
LYS NZ  HZ3  sing N N 203 
LYS OXT HXT  sing N N 204 
MET N   CA   sing N N 205 
MET N   H    sing N N 206 
MET N   H2   sing N N 207 
MET CA  C    sing N N 208 
MET CA  CB   sing N N 209 
MET CA  HA   sing N N 210 
MET C   O    doub N N 211 
MET C   OXT  sing N N 212 
MET CB  CG   sing N N 213 
MET CB  HB2  sing N N 214 
MET CB  HB3  sing N N 215 
MET CG  SD   sing N N 216 
MET CG  HG2  sing N N 217 
MET CG  HG3  sing N N 218 
MET SD  CE   sing N N 219 
MET CE  HE1  sing N N 220 
MET CE  HE2  sing N N 221 
MET CE  HE3  sing N N 222 
MET OXT HXT  sing N N 223 
PHE N   CA   sing N N 224 
PHE N   H    sing N N 225 
PHE N   H2   sing N N 226 
PHE CA  C    sing N N 227 
PHE CA  CB   sing N N 228 
PHE CA  HA   sing N N 229 
PHE C   O    doub N N 230 
PHE C   OXT  sing N N 231 
PHE CB  CG   sing N N 232 
PHE CB  HB2  sing N N 233 
PHE CB  HB3  sing N N 234 
PHE CG  CD1  doub Y N 235 
PHE CG  CD2  sing Y N 236 
PHE CD1 CE1  sing Y N 237 
PHE CD1 HD1  sing N N 238 
PHE CD2 CE2  doub Y N 239 
PHE CD2 HD2  sing N N 240 
PHE CE1 CZ   doub Y N 241 
PHE CE1 HE1  sing N N 242 
PHE CE2 CZ   sing Y N 243 
PHE CE2 HE2  sing N N 244 
PHE CZ  HZ   sing N N 245 
PHE OXT HXT  sing N N 246 
PRO N   CA   sing N N 247 
PRO N   CD   sing N N 248 
PRO N   H    sing N N 249 
PRO CA  C    sing N N 250 
PRO CA  CB   sing N N 251 
PRO CA  HA   sing N N 252 
PRO C   O    doub N N 253 
PRO C   OXT  sing N N 254 
PRO CB  CG   sing N N 255 
PRO CB  HB2  sing N N 256 
PRO CB  HB3  sing N N 257 
PRO CG  CD   sing N N 258 
PRO CG  HG2  sing N N 259 
PRO CG  HG3  sing N N 260 
PRO CD  HD2  sing N N 261 
PRO CD  HD3  sing N N 262 
PRO OXT HXT  sing N N 263 
SER N   CA   sing N N 264 
SER N   H    sing N N 265 
SER N   H2   sing N N 266 
SER CA  C    sing N N 267 
SER CA  CB   sing N N 268 
SER CA  HA   sing N N 269 
SER C   O    doub N N 270 
SER C   OXT  sing N N 271 
SER CB  OG   sing N N 272 
SER CB  HB2  sing N N 273 
SER CB  HB3  sing N N 274 
SER OG  HG   sing N N 275 
SER OXT HXT  sing N N 276 
THR N   CA   sing N N 277 
THR N   H    sing N N 278 
THR N   H2   sing N N 279 
THR CA  C    sing N N 280 
THR CA  CB   sing N N 281 
THR CA  HA   sing N N 282 
THR C   O    doub N N 283 
THR C   OXT  sing N N 284 
THR CB  OG1  sing N N 285 
THR CB  CG2  sing N N 286 
THR CB  HB   sing N N 287 
THR OG1 HG1  sing N N 288 
THR CG2 HG21 sing N N 289 
THR CG2 HG22 sing N N 290 
THR CG2 HG23 sing N N 291 
THR OXT HXT  sing N N 292 
TYR N   CA   sing N N 293 
TYR N   H    sing N N 294 
TYR N   H2   sing N N 295 
TYR CA  C    sing N N 296 
TYR CA  CB   sing N N 297 
TYR CA  HA   sing N N 298 
TYR C   O    doub N N 299 
TYR C   OXT  sing N N 300 
TYR CB  CG   sing N N 301 
TYR CB  HB2  sing N N 302 
TYR CB  HB3  sing N N 303 
TYR CG  CD1  doub Y N 304 
TYR CG  CD2  sing Y N 305 
TYR CD1 CE1  sing Y N 306 
TYR CD1 HD1  sing N N 307 
TYR CD2 CE2  doub Y N 308 
TYR CD2 HD2  sing N N 309 
TYR CE1 CZ   doub Y N 310 
TYR CE1 HE1  sing N N 311 
TYR CE2 CZ   sing Y N 312 
TYR CE2 HE2  sing N N 313 
TYR CZ  OH   sing N N 314 
TYR OH  HH   sing N N 315 
TYR OXT HXT  sing N N 316 
VAL N   CA   sing N N 317 
VAL N   H    sing N N 318 
VAL N   H2   sing N N 319 
VAL CA  C    sing N N 320 
VAL CA  CB   sing N N 321 
VAL CA  HA   sing N N 322 
VAL C   O    doub N N 323 
VAL C   OXT  sing N N 324 
VAL CB  CG1  sing N N 325 
VAL CB  CG2  sing N N 326 
VAL CB  HB   sing N N 327 
VAL CG1 HG11 sing N N 328 
VAL CG1 HG12 sing N N 329 
VAL CG1 HG13 sing N N 330 
VAL CG2 HG21 sing N N 331 
VAL CG2 HG22 sing N N 332 
VAL CG2 HG23 sing N N 333 
VAL OXT HXT  sing N N 334 
# 
_atom_sites.entry_id                    2I6V 
_atom_sites.fract_transf_matrix[1][1]   -0.01231693 
_atom_sites.fract_transf_matrix[1][2]   -0.02561155 
_atom_sites.fract_transf_matrix[1][3]   -0.00051521 
_atom_sites.fract_transf_matrix[2][1]   -0.01210851 
_atom_sites.fract_transf_matrix[2][2]   0.00546333 
_atom_sites.fract_transf_matrix[2][3]   0.01788671 
_atom_sites.fract_transf_matrix[3][1]   -0.01405373 
_atom_sites.fract_transf_matrix[3][2]   0.00699297 
_atom_sites.fract_transf_matrix[3][3]   -0.01164969 
_atom_sites.fract_transf_vector[1]      0.161387 
_atom_sites.fract_transf_vector[2]      0.282643 
_atom_sites.fract_transf_vector[3]      0.130168 
# 
loop_
_atom_type.symbol 
C 
N 
O 
S 
# 
loop_
_atom_site.group_PDB 
_atom_site.id 
_atom_site.type_symbol 
_atom_site.label_atom_id 
_atom_site.label_alt_id 
_atom_site.label_comp_id 
_atom_site.label_asym_id 
_atom_site.label_entity_id 
_atom_site.label_seq_id 
_atom_site.pdbx_PDB_ins_code 
_atom_site.Cartn_x 
_atom_site.Cartn_y 
_atom_site.Cartn_z 
_atom_site.occupancy 
_atom_site.B_iso_or_equiv 
_atom_site.pdbx_formal_charge 
_atom_site.auth_seq_id 
_atom_site.auth_comp_id 
_atom_site.auth_asym_id 
_atom_site.auth_atom_id 
_atom_site.pdbx_PDB_model_num 
ATOM   1   N N   . GLN A 1 1  ? 3.763   -1.075  13.942  1.00 36.38 ? 219 GLN A N   1 
ATOM   2   C CA  . GLN A 1 1  ? 3.753   -2.062  12.819  1.00 33.92 ? 219 GLN A CA  1 
ATOM   3   C C   . GLN A 1 1  ? 4.831   -1.722  11.794  1.00 30.97 ? 219 GLN A C   1 
ATOM   4   O O   . GLN A 1 1  ? 5.240   -0.564  11.668  1.00 31.88 ? 219 GLN A O   1 
ATOM   5   C CB  . GLN A 1 1  ? 2.371   -2.118  12.160  1.00 35.55 ? 219 GLN A CB  1 
ATOM   6   C CG  . GLN A 1 1  ? 1.250   -2.511  13.117  1.00 39.40 ? 219 GLN A CG  1 
ATOM   7   C CD  . GLN A 1 1  ? 1.541   -3.807  13.856  1.00 44.34 ? 219 GLN A CD  1 
ATOM   8   O OE1 . GLN A 1 1  ? 1.084   -4.006  14.983  1.00 48.72 ? 219 GLN A OE1 1 
ATOM   9   N NE2 . GLN A 1 1  ? 2.310   -4.693  13.224  1.00 45.12 ? 219 GLN A NE2 1 
ATOM   10  N N   . GLU A 1 2  ? 5.303   -2.728  11.064  1.00 22.85 ? 220 GLU A N   1 
ATOM   11  C CA  . GLU A 1 2  ? 6.426   -2.495  10.159  1.00 17.83 ? 220 GLU A CA  1 
ATOM   12  C C   . GLU A 1 2  ? 6.047   -2.700  8.698   1.00 15.66 ? 220 GLU A C   1 
ATOM   13  O O   . GLU A 1 2  ? 6.334   -3.729  8.111   1.00 14.04 ? 220 GLU A O   1 
ATOM   14  C CB  . GLU A 1 2  ? 7.616   -3.372  10.560  1.00 16.73 ? 220 GLU A CB  1 
ATOM   15  C CG  . GLU A 1 2  ? 8.161   -3.011  11.925  1.00 18.31 ? 220 GLU A CG  1 
ATOM   16  C CD  . GLU A 1 2  ? 9.366   -3.828  12.329  1.00 23.34 ? 220 GLU A CD  1 
ATOM   17  O OE1 . GLU A 1 2  ? 9.618   -4.884  11.714  1.00 21.89 ? 220 GLU A OE1 1 
ATOM   18  O OE2 . GLU A 1 2  ? 10.064  -3.413  13.277  1.00 28.17 ? 220 GLU A OE2 1 
ATOM   19  N N   . ILE A 1 3  ? 5.406   -1.694  8.116   1.00 12.87 ? 221 ILE A N   1 
ATOM   20  C CA  . ILE A 1 3  ? 4.982   -1.782  6.721   1.00 12.68 ? 221 ILE A CA  1 
ATOM   21  C C   . ILE A 1 3  ? 6.142   -2.132  5.783   1.00 10.77 ? 221 ILE A C   1 
ATOM   22  O O   . ILE A 1 3  ? 5.955   -2.848  4.789   1.00 11.43 ? 221 ILE A O   1 
ATOM   23  C CB  . ILE A 1 3  ? 4.298   -0.465  6.261   1.00 12.52 ? 221 ILE A CB  1 
ATOM   24  C CG1 . ILE A 1 3  ? 3.009   -0.246  7.060   1.00 15.87 ? 221 ILE A CG1 1 
ATOM   25  C CG2 . ILE A 1 3  ? 4.017   -0.493  4.770   1.00 14.50 ? 221 ILE A CG2 1 
ATOM   26  C CD1 . ILE A 1 3  ? 2.331   1.085   6.765   1.00 17.86 ? 221 ILE A CD1 1 
ATOM   27  N N   . PHE A 1 4  ? 7.340   -1.638  6.103   1.00 11.08 ? 222 PHE A N   1 
ATOM   28  C CA  . PHE A 1 4  ? 8.518   -1.857  5.256   1.00 11.02 ? 222 PHE A CA  1 
ATOM   29  C C   . PHE A 1 4  ? 8.919   -3.322  5.081   1.00 10.56 ? 222 PHE A C   1 
ATOM   30  O O   . PHE A 1 4  ? 9.666   -3.648  4.160   1.00 11.25 ? 222 PHE A O   1 
ATOM   31  C CB  . PHE A 1 4  ? 9.717   -1.027  5.753   1.00 12.59 ? 222 PHE A CB  1 
ATOM   32  C CG  . PHE A 1 4  ? 10.206  -1.406  7.124   1.00 12.44 ? 222 PHE A CG  1 
ATOM   33  C CD1 . PHE A 1 4  ? 11.129  -2.432  7.289   1.00 13.81 ? 222 PHE A CD1 1 
ATOM   34  C CD2 . PHE A 1 4  ? 9.769   -0.714  8.249   1.00 14.10 ? 222 PHE A CD2 1 
ATOM   35  C CE1 . PHE A 1 4  ? 11.587  -2.774  8.555   1.00 15.05 ? 222 PHE A CE1 1 
ATOM   36  C CE2 . PHE A 1 4  ? 10.224  -1.047  9.514   1.00 14.94 ? 222 PHE A CE2 1 
ATOM   37  C CZ  . PHE A 1 4  ? 11.129  -2.080  9.670   1.00 14.46 ? 222 PHE A CZ  1 
ATOM   38  N N   . GLN A 1 5  ? 8.429   -4.197  5.955   1.00 10.64 ? 223 GLN A N   1 
ATOM   39  C CA  . GLN A 1 5  ? 8.693   -5.630  5.806   1.00 9.59  ? 223 GLN A CA  1 
ATOM   40  C C   . GLN A 1 5  ? 7.908   -6.194  4.621   1.00 9.58  ? 223 GLN A C   1 
ATOM   41  O O   . GLN A 1 5  ? 8.332   -7.177  3.997   1.00 10.22 ? 223 GLN A O   1 
ATOM   42  C CB  . GLN A 1 5  ? 8.306   -6.398  7.081   1.00 10.58 ? 223 GLN A CB  1 
ATOM   43  C CG  . GLN A 1 5  ? 9.028   -5.949  8.346   1.00 11.50 ? 223 GLN A CG  1 
ATOM   44  C CD  . GLN A 1 5  ? 10.487  -6.380  8.383   1.00 11.29 ? 223 GLN A CD  1 
ATOM   45  O OE1 . GLN A 1 5  ? 10.973  -7.088  7.492   1.00 11.35 ? 223 GLN A OE1 1 
ATOM   46  N NE2 . GLN A 1 5  ? 11.193  -5.973  9.447   1.00 13.32 ? 223 GLN A NE2 1 
ATOM   47  N N   . TYR A 1 6  ? 6.777   -5.550  4.318   1.00 9.78  ? 224 TYR A N   1 
ATOM   48  C CA  . TYR A 1 6  ? 5.803   -6.056  3.342   1.00 9.34  ? 224 TYR A CA  1 
ATOM   49  C C   . TYR A 1 6  ? 5.982   -5.426  1.975   1.00 11.49 ? 224 TYR A C   1 
ATOM   50  O O   . TYR A 1 6  ? 5.778   -6.081  0.959   1.00 12.93 ? 224 TYR A O   1 
ATOM   51  C CB  . TYR A 1 6  ? 4.366   -5.753  3.800   1.00 10.48 ? 224 TYR A CB  1 
ATOM   52  C CG  . TYR A 1 6  ? 3.970   -6.402  5.112   1.00 9.31  ? 224 TYR A CG  1 
ATOM   53  C CD1 . TYR A 1 6  ? 3.232   -7.581  5.128   1.00 10.92 ? 224 TYR A CD1 1 
ATOM   54  C CD2 . TYR A 1 6  ? 4.333   -5.835  6.331   1.00 10.91 ? 224 TYR A CD2 1 
ATOM   55  C CE1 . TYR A 1 6  ? 2.862   -8.177  6.320   1.00 10.64 ? 224 TYR A CE1 1 
ATOM   56  C CE2 . TYR A 1 6  ? 3.957   -6.419  7.537   1.00 10.45 ? 224 TYR A CE2 1 
ATOM   57  C CZ  . TYR A 1 6  ? 3.227   -7.596  7.520   1.00 12.45 ? 224 TYR A CZ  1 
ATOM   58  O OH  . TYR A 1 6  ? 2.859   -8.188  8.716   1.00 13.16 ? 224 TYR A OH  1 
ATOM   59  N N   . VAL A 1 7  ? 6.340   -4.143  1.951   1.00 10.26 ? 225 VAL A N   1 
ATOM   60  C CA  . VAL A 1 7  ? 6.265   -3.393  0.710   1.00 10.24 ? 225 VAL A CA  1 
ATOM   61  C C   . VAL A 1 7  ? 7.106   -2.123  0.766   1.00 9.42  ? 225 VAL A C   1 
ATOM   62  O O   . VAL A 1 7  ? 7.353   -1.566  1.848   1.00 11.10 ? 225 VAL A O   1 
ATOM   63  C CB  . VAL A 1 7  ? 4.784   -3.038  0.379   1.00 10.98 ? 225 VAL A CB  1 
ATOM   64  C CG1 . VAL A 1 7  ? 4.242   -1.997  1.374   1.00 11.26 ? 225 VAL A CG1 1 
ATOM   65  C CG2 . VAL A 1 7  ? 4.665   -2.532  -1.047  1.00 12.60 ? 225 VAL A CG2 1 
ATOM   66  N N   . ARG A 1 8  ? 7.556   -1.681  -0.406  1.00 9.21  ? 226 ARG A N   1 
ATOM   67  C CA  . ARG A 1 8  ? 8.169   -0.371  -0.553  1.00 10.34 ? 226 ARG A CA  1 
ATOM   68  C C   . ARG A 1 8  ? 7.336   0.424   -1.546  1.00 10.95 ? 226 ARG A C   1 
ATOM   69  O O   . ARG A 1 8  ? 6.788   -0.142  -2.501  1.00 10.94 ? 226 ARG A O   1 
ATOM   70  C CB  . ARG A 1 8  ? 9.629   -0.489  -1.004  1.00 11.94 ? 226 ARG A CB  1 
ATOM   71  C CG  . ARG A 1 8  ? 10.535  -0.917  0.153   1.00 14.19 ? 226 ARG A CG  1 
ATOM   72  C CD  . ARG A 1 8  ? 11.959  -1.255  -0.245  1.00 16.82 ? 226 ARG A CD  1 
ATOM   73  N NE  . ARG A 1 8  ? 12.566  -1.986  0.865   1.00 20.40 ? 226 ARG A NE  1 
ATOM   74  C CZ  . ARG A 1 8  ? 13.706  -2.662  0.812   1.00 22.32 ? 226 ARG A CZ  1 
ATOM   75  N NH1 . ARG A 1 8  ? 14.138  -3.283  1.905   1.00 20.06 ? 226 ARG A NH1 1 
ATOM   76  N NH2 . ARG A 1 8  ? 14.425  -2.696  -0.307  1.00 22.01 ? 226 ARG A NH2 1 
ATOM   77  N N   . LEU A 1 9  ? 7.228   1.731   -1.310  1.00 9.96  ? 227 LEU A N   1 
ATOM   78  C CA  . LEU A 1 9  ? 6.377   2.584   -2.136  1.00 9.73  ? 227 LEU A CA  1 
ATOM   79  C C   . LEU A 1 9  ? 7.139   3.783   -2.673  1.00 10.30 ? 227 LEU A C   1 
ATOM   80  O O   . LEU A 1 9  ? 7.995   4.346   -1.989  1.00 10.34 ? 227 LEU A O   1 
ATOM   81  C CB  . LEU A 1 9  ? 5.184   3.083   -1.322  1.00 9.50  ? 227 LEU A CB  1 
ATOM   82  C CG  . LEU A 1 9  ? 4.276   2.019   -0.701  1.00 10.26 ? 227 LEU A CG  1 
ATOM   83  C CD1 . LEU A 1 9  ? 3.241   2.698   0.174   1.00 11.34 ? 227 LEU A CD1 1 
ATOM   84  C CD2 . LEU A 1 9  ? 3.617   1.198   -1.805  1.00 9.98  ? 227 LEU A CD2 1 
ATOM   85  N N   . SER A 1 10 ? 6.823   4.173   -3.900  1.00 9.23  ? 228 SER A N   1 
ATOM   86  C CA  . SER A 1 10 ? 7.349   5.422   -4.471  1.00 8.57  ? 228 SER A CA  1 
ATOM   87  C C   . SER A 1 10 ? 6.228   6.186   -5.172  1.00 10.43 ? 228 SER A C   1 
ATOM   88  O O   . SER A 1 10 ? 5.289   5.590   -5.690  1.00 10.42 ? 228 SER A O   1 
ATOM   89  C CB  . SER A 1 10 ? 8.521   5.159   -5.432  1.00 11.63 ? 228 SER A CB  1 
ATOM   90  O OG  . SER A 1 10 ? 8.150   4.325   -6.522  1.00 12.36 ? 228 SER A OG  1 
ATOM   91  N N   . GLN A 1 11 ? 6.319   7.514   -5.173  1.00 9.56  ? 229 GLN A N   1 
ATOM   92  C CA  . GLN A 1 11 ? 5.247   8.327   -5.739  1.00 10.31 ? 229 GLN A CA  1 
ATOM   93  C C   . GLN A 1 11 ? 5.168   8.221   -7.247  1.00 10.79 ? 229 GLN A C   1 
ATOM   94  O O   . GLN A 1 11 ? 6.192   8.161   -7.944  1.00 12.05 ? 229 GLN A O   1 
ATOM   95  C CB  . GLN A 1 11 ? 5.449   9.809   -5.402  1.00 10.32 ? 229 GLN A CB  1 
ATOM   96  C CG  . GLN A 1 11 ? 5.395   10.116  -3.925  1.00 9.80  ? 229 GLN A CG  1 
ATOM   97  C CD  . GLN A 1 11 ? 5.689   11.579  -3.649  1.00 12.71 ? 229 GLN A CD  1 
ATOM   98  O OE1 . GLN A 1 11 ? 6.389   12.242  -4.428  1.00 12.06 ? 229 GLN A OE1 1 
ATOM   99  N NE2 . GLN A 1 11 ? 5.169   12.086  -2.539  1.00 12.58 ? 229 GLN A NE2 1 
ATOM   100 N N   . VAL A 1 12 ? 3.937   8.229   -7.740  1.00 8.97  ? 230 VAL A N   1 
ATOM   101 C CA  . VAL A 1 12 ? 3.669   8.449   -9.150  1.00 10.46 ? 230 VAL A CA  1 
ATOM   102 C C   . VAL A 1 12 ? 2.866   9.747   -9.197  1.00 12.62 ? 230 VAL A C   1 
ATOM   103 O O   . VAL A 1 12 ? 1.767   9.816   -8.646  1.00 11.82 ? 230 VAL A O   1 
ATOM   104 C CB  . VAL A 1 12 ? 2.868   7.278   -9.745  1.00 10.28 ? 230 VAL A CB  1 
ATOM   105 C CG1 . VAL A 1 12 ? 2.427   7.601   -11.168 1.00 13.69 ? 230 VAL A CG1 1 
ATOM   106 C CG2 . VAL A 1 12 ? 3.726   6.009   -9.724  1.00 11.72 ? 230 VAL A CG2 1 
ATOM   107 N N   . LYS A 1 13 ? 3.441   10.783  -9.807  1.00 12.98 ? 231 LYS A N   1 
ATOM   108 C CA  . LYS A 1 13 ? 2.811   12.103  -9.802  1.00 14.34 ? 231 LYS A CA  1 
ATOM   109 C C   . LYS A 1 13 ? 2.508   12.665  -11.191 1.00 17.81 ? 231 LYS A C   1 
ATOM   110 O O   . LYS A 1 13 ? 3.151   12.304  -12.172 1.00 19.24 ? 231 LYS A O   1 
ATOM   111 C CB  . LYS A 1 13 ? 3.687   13.107  -9.055  1.00 16.69 ? 231 LYS A CB  1 
ATOM   112 C CG  . LYS A 1 13 ? 4.034   12.687  -7.641  1.00 19.71 ? 231 LYS A CG  1 
ATOM   113 C CD  . LYS A 1 13 ? 4.279   13.897  -6.745  1.00 25.02 ? 231 LYS A CD  1 
ATOM   114 C CE  . LYS A 1 13 ? 5.575   14.618  -7.084  1.00 25.87 ? 231 LYS A CE  1 
ATOM   115 N NZ  . LYS A 1 13 ? 6.794   13.843  -6.721  1.00 28.34 ? 231 LYS A NZ  1 
ATOM   116 N N   . ARG A 1 14 ? 1.508   13.538  -11.255 1.00 18.24 ? 232 ARG A N   1 
ATOM   117 C CA  . ARG A 1 14 ? 1.332   14.422  -12.404 1.00 22.07 ? 232 ARG A CA  1 
ATOM   118 C C   . ARG A 1 14 ? 1.718   15.795  -11.881 1.00 20.37 ? 232 ARG A C   1 
ATOM   119 O O   . ARG A 1 14 ? 0.990   16.377  -11.088 1.00 19.51 ? 232 ARG A O   1 
ATOM   120 C CB  . ARG A 1 14 ? -0.120  14.441  -12.888 1.00 23.66 ? 232 ARG A CB  1 
ATOM   121 C CG  . ARG A 1 14 ? -0.354  15.405  -14.042 1.00 28.06 ? 232 ARG A CG  1 
ATOM   122 C CD  . ARG A 1 14 ? -1.814  15.794  -14.199 1.00 31.59 ? 232 ARG A CD  1 
ATOM   123 N NE  . ARG A 1 14 ? -2.310  16.597  -13.083 1.00 35.31 ? 232 ARG A NE  1 
ATOM   124 C CZ  . ARG A 1 14 ? -2.089  17.900  -12.929 1.00 36.78 ? 232 ARG A CZ  1 
ATOM   125 N NH1 . ARG A 1 14 ? -1.360  18.573  -13.817 1.00 36.91 ? 232 ARG A NH1 1 
ATOM   126 N NH2 . ARG A 1 14 ? -2.590  18.534  -11.876 1.00 37.16 ? 232 ARG A NH2 1 
ATOM   127 N N   . ASP A 1 15 ? 2.874   16.291  -12.305 1.00 24.98 ? 233 ASP A N   1 
ATOM   128 C CA  . ASP A 1 15 ? 3.383   17.542  -11.773 1.00 28.19 ? 233 ASP A CA  1 
ATOM   129 C C   . ASP A 1 15 ? 3.596   17.384  -10.268 1.00 30.25 ? 233 ASP A C   1 
ATOM   130 O O   . ASP A 1 15 ? 4.434   16.586  -9.843  1.00 31.39 ? 233 ASP A O   1 
ATOM   131 C CB  . ASP A 1 15 ? 2.426   18.690  -12.100 1.00 31.00 ? 233 ASP A CB  1 
ATOM   132 C CG  . ASP A 1 15 ? 2.398   19.017  -13.582 1.00 34.38 ? 233 ASP A CG  1 
ATOM   133 O OD1 . ASP A 1 15 ? 3.488   19.190  -14.166 1.00 38.50 ? 233 ASP A OD1 1 
ATOM   134 O OD2 . ASP A 1 15 ? 1.294   19.096  -14.168 1.00 38.34 ? 233 ASP A OD2 1 
ATOM   135 N N   . ASP A 1 16 ? 2.837   18.120  -9.463  1.00 30.49 ? 234 ASP A N   1 
ATOM   136 C CA  . ASP A 1 16 ? 2.992   18.020  -8.014  1.00 31.34 ? 234 ASP A CA  1 
ATOM   137 C C   . ASP A 1 16 ? 1.856   17.238  -7.359  1.00 29.29 ? 234 ASP A C   1 
ATOM   138 O O   . ASP A 1 16 ? 1.800   17.109  -6.135  1.00 30.20 ? 234 ASP A O   1 
ATOM   139 C CB  . ASP A 1 16 ? 3.123   19.406  -7.378  1.00 34.95 ? 234 ASP A CB  1 
ATOM   140 C CG  . ASP A 1 16 ? 4.120   19.425  -6.234  1.00 39.89 ? 234 ASP A CG  1 
ATOM   141 O OD1 . ASP A 1 16 ? 5.198   18.799  -6.373  1.00 42.40 ? 234 ASP A OD1 1 
ATOM   142 O OD2 . ASP A 1 16 ? 3.832   20.065  -5.199  1.00 43.89 ? 234 ASP A OD2 1 
ATOM   143 N N   . LYS A 1 17 ? 0.959   16.703  -8.178  1.00 25.30 ? 235 LYS A N   1 
ATOM   144 C CA  . LYS A 1 17 ? -0.181  15.959  -7.671  1.00 23.36 ? 235 LYS A CA  1 
ATOM   145 C C   . LYS A 1 17 ? 0.164   14.474  -7.618  1.00 20.06 ? 235 LYS A C   1 
ATOM   146 O O   . LYS A 1 17 ? 0.566   13.904  -8.622  1.00 17.97 ? 235 LYS A O   1 
ATOM   147 C CB  . LYS A 1 17 ? -1.387  16.181  -8.585  1.00 25.83 ? 235 LYS A CB  1 
ATOM   148 C CG  . LYS A 1 17 ? -2.599  15.336  -8.260  1.00 30.13 ? 235 LYS A CG  1 
ATOM   149 C CD  . LYS A 1 17 ? -3.633  15.425  -9.375  1.00 35.98 ? 235 LYS A CD  1 
ATOM   150 C CE  . LYS A 1 17 ? -4.871  14.598  -9.061  1.00 37.48 ? 235 LYS A CE  1 
ATOM   151 N NZ  . LYS A 1 17 ? -5.570  15.090  -7.842  1.00 41.52 ? 235 LYS A NZ  1 
ATOM   152 N N   . VAL A 1 18 ? 0.009   13.858  -6.449  1.00 16.48 ? 236 VAL A N   1 
ATOM   153 C CA  . VAL A 1 18 ? 0.254   12.421  -6.308  1.00 15.05 ? 236 VAL A CA  1 
ATOM   154 C C   . VAL A 1 18 ? -0.942  11.639  -6.855  1.00 13.85 ? 236 VAL A C   1 
ATOM   155 O O   . VAL A 1 18 ? -2.097  11.904  -6.489  1.00 14.31 ? 236 VAL A O   1 
ATOM   156 C CB  . VAL A 1 18 ? 0.516   12.036  -4.830  1.00 16.23 ? 236 VAL A CB  1 
ATOM   157 C CG1 . VAL A 1 18 ? 0.808   10.536  -4.696  1.00 18.29 ? 236 VAL A CG1 1 
ATOM   158 C CG2 . VAL A 1 18 ? 1.663   12.869  -4.259  1.00 18.07 ? 236 VAL A CG2 1 
ATOM   159 N N   . LEU A 1 19 ? -0.655  10.681  -7.741  1.00 11.32 ? 237 LEU A N   1 
ATOM   160 C CA  . LEU A 1 19 ? -1.677  9.887   -8.423  1.00 12.65 ? 237 LEU A CA  1 
ATOM   161 C C   . LEU A 1 19 ? -1.856  8.515   -7.793  1.00 11.60 ? 237 LEU A C   1 
ATOM   162 O O   . LEU A 1 19 ? -2.910  7.896   -7.918  1.00 13.49 ? 237 LEU A O   1 
ATOM   163 C CB  . LEU A 1 19 ? -1.306  9.691   -9.898  1.00 10.89 ? 237 LEU A CB  1 
ATOM   164 C CG  . LEU A 1 19 ? -1.127  10.966  -10.723 1.00 12.94 ? 237 LEU A CG  1 
ATOM   165 C CD1 . LEU A 1 19 ? -0.761  10.627  -12.175 1.00 13.38 ? 237 LEU A CD1 1 
ATOM   166 C CD2 . LEU A 1 19 ? -2.399  11.817  -10.645 1.00 15.68 ? 237 LEU A CD2 1 
ATOM   167 N N   . GLY A 1 20 ? -0.799  8.036   -7.142  1.00 11.10 ? 238 GLY A N   1 
ATOM   168 C CA  . GLY A 1 20 ? -0.768  6.695   -6.553  1.00 10.05 ? 238 GLY A CA  1 
ATOM   169 C C   . GLY A 1 20 ? 0.671   6.371   -6.204  1.00 9.89  ? 238 GLY A C   1 
ATOM   170 O O   . GLY A 1 20 ? 1.549   7.232   -6.339  1.00 10.53 ? 238 GLY A O   1 
ATOM   171 N N   . TYR A 1 21 ? 0.918   5.139   -5.759  1.00 9.28  ? 239 TYR A N   1 
ATOM   172 C CA  . TYR A 1 21 ? 2.271   4.705   -5.381  1.00 8.39  ? 239 TYR A CA  1 
ATOM   173 C C   . TYR A 1 21 ? 2.674   3.415   -6.081  1.00 10.93 ? 239 TYR A C   1 
ATOM   174 O O   . TYR A 1 21 ? 1.943   2.422   -6.041  1.00 10.77 ? 239 TYR A O   1 
ATOM   175 C CB  . TYR A 1 21 ? 2.403   4.546   -3.855  1.00 8.07  ? 239 TYR A CB  1 
ATOM   176 C CG  . TYR A 1 21 ? 2.156   5.846   -3.144  1.00 10.42 ? 239 TYR A CG  1 
ATOM   177 C CD1 . TYR A 1 21 ? 3.215   6.641   -2.725  1.00 11.05 ? 239 TYR A CD1 1 
ATOM   178 C CD2 . TYR A 1 21 ? 0.864   6.300   -2.935  1.00 9.36  ? 239 TYR A CD2 1 
ATOM   179 C CE1 . TYR A 1 21 ? 2.990   7.856   -2.103  1.00 8.50  ? 239 TYR A CE1 1 
ATOM   180 C CE2 . TYR A 1 21 ? 0.621   7.514   -2.308  1.00 8.91  ? 239 TYR A CE2 1 
ATOM   181 C CZ  . TYR A 1 21 ? 1.691   8.285   -1.896  1.00 10.25 ? 239 TYR A CZ  1 
ATOM   182 O OH  . TYR A 1 21 ? 1.439   9.493   -1.279  1.00 10.75 ? 239 TYR A OH  1 
ATOM   183 N N   . ARG A 1 22 ? 3.826   3.443   -6.741  1.00 9.12  ? 240 ARG A N   1 
ATOM   184 C CA  . ARG A 1 22 ? 4.376   2.234   -7.333  1.00 8.61  ? 240 ARG A CA  1 
ATOM   185 C C   . ARG A 1 22 ? 4.829   1.307   -6.222  1.00 10.41 ? 240 ARG A C   1 
ATOM   186 O O   . ARG A 1 22 ? 5.517   1.721   -5.289  1.00 9.63  ? 240 ARG A O   1 
ATOM   187 C CB  . ARG A 1 22 ? 5.588   2.553   -8.204  1.00 8.45  ? 240 ARG A CB  1 
ATOM   188 C CG  . ARG A 1 22 ? 6.017   1.389   -9.081  1.00 9.49  ? 240 ARG A CG  1 
ATOM   189 C CD  . ARG A 1 22 ? 7.408   1.644   -9.663  1.00 8.18  ? 240 ARG A CD  1 
ATOM   190 N NE  . ARG A 1 22 ? 7.841   0.572   -10.565 1.00 11.28 ? 240 ARG A NE  1 
ATOM   191 C CZ  . ARG A 1 22 ? 8.300   -0.613  -10.163 1.00 13.29 ? 240 ARG A CZ  1 
ATOM   192 N NH1 . ARG A 1 22 ? 8.370   -0.898  -8.858  1.00 10.86 ? 240 ARG A NH1 1 
ATOM   193 N NH2 . ARG A 1 22 ? 8.661   -1.522  -11.065 1.00 11.23 ? 240 ARG A NH2 1 
ATOM   194 N N   . VAL A 1 23 ? 4.455   0.043   -6.352  1.00 7.22  ? 241 VAL A N   1 
ATOM   195 C CA  . VAL A 1 23 ? 4.843   -0.989  -5.402  1.00 8.78  ? 241 VAL A CA  1 
ATOM   196 C C   . VAL A 1 23 ? 6.158   -1.669  -5.795  1.00 9.96  ? 241 VAL A C   1 
ATOM   197 O O   . VAL A 1 23 ? 6.332   -2.079  -6.949  1.00 10.02 ? 241 VAL A O   1 
ATOM   198 C CB  . VAL A 1 23 ? 3.747   -2.080  -5.354  1.00 8.13  ? 241 VAL A CB  1 
ATOM   199 C CG1 . VAL A 1 23 ? 4.247   -3.347  -4.691  1.00 11.98 ? 241 VAL A CG1 1 
ATOM   200 C CG2 . VAL A 1 23 ? 2.477   -1.555  -4.682  1.00 8.79  ? 241 VAL A CG2 1 
ATOM   201 N N   . SER A 1 24 ? 7.065   -1.794  -4.821  1.00 9.54  ? 242 SER A N   1 
ATOM   202 C CA  . SER A 1 24 ? 8.303   -2.566  -4.966  1.00 9.85  ? 242 SER A CA  1 
ATOM   203 C C   . SER A 1 24 ? 8.371   -3.563  -3.815  1.00 9.78  ? 242 SER A C   1 
ATOM   204 O O   . SER A 1 24 ? 7.712   -3.385  -2.798  1.00 8.58  ? 242 SER A O   1 
ATOM   205 C CB  . SER A 1 24 ? 9.542   -1.657  -4.919  1.00 10.61 ? 242 SER A CB  1 
ATOM   206 O OG  . SER A 1 24 ? 9.588   -0.769  -6.035  1.00 12.66 ? 242 SER A OG  1 
ATOM   207 N N   . PRO A 1 25 ? 9.171   -4.616  -3.970  1.00 10.35 ? 243 PRO A N   1 
ATOM   208 C CA  . PRO A 1 25 ? 9.290   -5.594  -2.886  1.00 10.81 ? 243 PRO A CA  1 
ATOM   209 C C   . PRO A 1 25 ? 9.735   -4.968  -1.561  1.00 13.19 ? 243 PRO A C   1 
ATOM   210 O O   . PRO A 1 25 ? 10.580  -4.070  -1.543  1.00 12.80 ? 243 PRO A O   1 
ATOM   211 C CB  . PRO A 1 25 ? 10.350  -6.568  -3.410  1.00 9.61  ? 243 PRO A CB  1 
ATOM   212 C CG  . PRO A 1 25 ? 10.219  -6.463  -4.917  1.00 11.28 ? 243 PRO A CG  1 
ATOM   213 C CD  . PRO A 1 25 ? 9.983   -4.983  -5.141  1.00 11.33 ? 243 PRO A CD  1 
ATOM   214 N N   . GLY A 1 26 ? 9.141   -5.437  -0.466  1.00 13.67 ? 244 GLY A N   1 
ATOM   215 C CA  . GLY A 1 26 ? 9.569   -5.030  0.853   1.00 15.06 ? 244 GLY A CA  1 
ATOM   216 C C   . GLY A 1 26 ? 10.788  -5.816  1.300   1.00 12.89 ? 244 GLY A C   1 
ATOM   217 O O   . GLY A 1 26 ? 11.445  -6.520  0.513   1.00 14.16 ? 244 GLY A O   1 
ATOM   218 N N   . LYS A 1 27 ? 11.088  -5.717  2.585   1.00 10.81 ? 245 LYS A N   1 
ATOM   219 C CA  . LYS A 1 27 ? 12.285  -6.332  3.101   1.00 9.59  ? 245 LYS A CA  1 
ATOM   220 C C   . LYS A 1 27 ? 12.183  -7.856  3.106   1.00 9.14  ? 245 LYS A C   1 
ATOM   221 O O   . LYS A 1 27 ? 13.193  -8.543  2.935   1.00 12.16 ? 245 LYS A O   1 
ATOM   222 C CB  . LYS A 1 27 ? 12.537  -5.820  4.511   1.00 11.34 ? 245 LYS A CB  1 
ATOM   223 C CG  . LYS A 1 27 ? 13.893  -6.184  5.061   1.00 15.24 ? 245 LYS A CG  1 
ATOM   224 C CD  . LYS A 1 27 ? 14.169  -5.424  6.329   1.00 19.88 ? 245 LYS A CD  1 
ATOM   225 C CE  . LYS A 1 27 ? 15.562  -5.735  6.825   1.00 22.83 ? 245 LYS A CE  1 
ATOM   226 N NZ  . LYS A 1 27 ? 15.783  -5.151  8.175   1.00 27.47 ? 245 LYS A NZ  1 
ATOM   227 N N   . ASP A 1 28 ? 10.980  -8.374  3.357   1.00 8.64  ? 246 ASP A N   1 
ATOM   228 C CA  . ASP A 1 28 ? 10.780  -9.821  3.513   1.00 9.83  ? 246 ASP A CA  1 
ATOM   229 C C   . ASP A 1 28 ? 10.001  -10.427 2.339   1.00 10.68 ? 246 ASP A C   1 
ATOM   230 O O   . ASP A 1 28 ? 8.801   -10.182 2.192   1.00 10.74 ? 246 ASP A O   1 
ATOM   231 C CB  . ASP A 1 28 ? 10.053  -10.099 4.828   1.00 10.45 ? 246 ASP A CB  1 
ATOM   232 C CG  . ASP A 1 28 ? 10.023  -11.563 5.179   1.00 11.41 ? 246 ASP A CG  1 
ATOM   233 O OD1 . ASP A 1 28 ? 10.334  -12.397 4.297   1.00 11.85 ? 246 ASP A OD1 1 
ATOM   234 O OD2 . ASP A 1 28 ? 9.698   -11.860 6.348   1.00 11.82 ? 246 ASP A OD2 1 
ATOM   235 N N   . PRO A 1 29 ? 10.684  -11.215 1.492   1.00 11.72 ? 247 PRO A N   1 
ATOM   236 C CA  . PRO A 1 29 ? 10.021  -11.839 0.344   1.00 11.39 ? 247 PRO A CA  1 
ATOM   237 C C   . PRO A 1 29 ? 8.843   -12.720 0.729   1.00 10.24 ? 247 PRO A C   1 
ATOM   238 O O   . PRO A 1 29 ? 7.893   -12.853 -0.049  1.00 9.85  ? 247 PRO A O   1 
ATOM   239 C CB  . PRO A 1 29 ? 11.132  -12.695 -0.288  1.00 12.03 ? 247 PRO A CB  1 
ATOM   240 C CG  . PRO A 1 29 ? 12.393  -12.039 0.135   1.00 13.27 ? 247 PRO A CG  1 
ATOM   241 C CD  . PRO A 1 29 ? 12.120  -11.542 1.540   1.00 12.25 ? 247 PRO A CD  1 
ATOM   242 N N   . VAL A 1 30 ? 8.896   -13.337 1.904   1.00 9.61  ? 248 VAL A N   1 
ATOM   243 C CA  . VAL A 1 30 ? 7.793   -14.199 2.325   1.00 9.31  ? 248 VAL A CA  1 
ATOM   244 C C   . VAL A 1 30 ? 6.512   -13.385 2.452   1.00 10.50 ? 248 VAL A C   1 
ATOM   245 O O   . VAL A 1 30 ? 5.434   -13.828 2.051   1.00 9.60  ? 248 VAL A O   1 
ATOM   246 C CB  . VAL A 1 30 ? 8.103   -14.918 3.653   1.00 9.64  ? 248 VAL A CB  1 
ATOM   247 C CG1 . VAL A 1 30 ? 6.840   -15.613 4.200   1.00 10.43 ? 248 VAL A CG1 1 
ATOM   248 C CG2 . VAL A 1 30 ? 9.218   -15.933 3.433   1.00 9.99  ? 248 VAL A CG2 1 
ATOM   249 N N   . LEU A 1 31 ? 6.628   -12.187 3.012   1.00 9.23  ? 249 LEU A N   1 
ATOM   250 C CA  . LEU A 1 31 ? 5.452   -11.339 3.173   1.00 9.24  ? 249 LEU A CA  1 
ATOM   251 C C   . LEU A 1 31 ? 4.970   -10.823 1.812   1.00 10.11 ? 249 LEU A C   1 
ATOM   252 O O   . LEU A 1 31 ? 3.787   -10.918 1.486   1.00 9.95  ? 249 LEU A O   1 
ATOM   253 C CB  . LEU A 1 31 ? 5.764   -10.174 4.112   1.00 9.57  ? 249 LEU A CB  1 
ATOM   254 C CG  . LEU A 1 31 ? 6.092   -10.563 5.555   1.00 10.19 ? 249 LEU A CG  1 
ATOM   255 C CD1 . LEU A 1 31 ? 6.358   -9.310  6.378   1.00 11.49 ? 249 LEU A CD1 1 
ATOM   256 C CD2 . LEU A 1 31 ? 4.982   -11.398 6.190   1.00 10.90 ? 249 LEU A CD2 1 
ATOM   257 N N   . PHE A 1 32 ? 5.886   -10.285 1.015   1.00 9.53  ? 250 PHE A N   1 
ATOM   258 C CA  . PHE A 1 32 ? 5.522   -9.719  -0.294  1.00 9.75  ? 250 PHE A CA  1 
ATOM   259 C C   . PHE A 1 32 ? 4.841   -10.766 -1.191  1.00 10.65 ? 250 PHE A C   1 
ATOM   260 O O   . PHE A 1 32 ? 3.799   -10.503 -1.806  1.00 10.66 ? 250 PHE A O   1 
ATOM   261 C CB  . PHE A 1 32 ? 6.784   -9.163  -0.958  1.00 11.64 ? 250 PHE A CB  1 
ATOM   262 C CG  . PHE A 1 32 ? 6.536   -8.364  -2.213  1.00 9.62  ? 250 PHE A CG  1 
ATOM   263 C CD1 . PHE A 1 32 ? 6.046   -7.056  -2.142  1.00 9.39  ? 250 PHE A CD1 1 
ATOM   264 C CD2 . PHE A 1 32 ? 6.820   -8.902  -3.460  1.00 10.33 ? 250 PHE A CD2 1 
ATOM   265 C CE1 . PHE A 1 32 ? 5.839   -6.318  -3.299  1.00 10.89 ? 250 PHE A CE1 1 
ATOM   266 C CE2 . PHE A 1 32 ? 6.605   -8.168  -4.628  1.00 11.95 ? 250 PHE A CE2 1 
ATOM   267 C CZ  . PHE A 1 32 ? 6.111   -6.879  -4.546  1.00 12.67 ? 250 PHE A CZ  1 
ATOM   268 N N   . GLU A 1 33 ? 5.414   -11.966 -1.245  1.00 9.10  ? 251 GLU A N   1 
ATOM   269 C CA  . GLU A 1 33 ? 4.851   -12.999 -2.105  1.00 10.93 ? 251 GLU A CA  1 
ATOM   270 C C   . GLU A 1 33 ? 3.577   -13.619 -1.536  1.00 12.05 ? 251 GLU A C   1 
ATOM   271 O O   . GLU A 1 33 ? 2.628   -13.878 -2.283  1.00 13.22 ? 251 GLU A O   1 
ATOM   272 C CB  . GLU A 1 33 ? 5.885   -14.083 -2.398  1.00 12.58 ? 251 GLU A CB  1 
ATOM   273 C CG  . GLU A 1 33 ? 7.125   -13.547 -3.134  1.00 16.66 ? 251 GLU A CG  1 
ATOM   274 C CD  . GLU A 1 33 ? 6.831   -13.104 -4.569  1.00 19.07 ? 251 GLU A CD  1 
ATOM   275 O OE1 . GLU A 1 33 ? 5.895   -13.653 -5.194  1.00 24.74 ? 251 GLU A OE1 1 
ATOM   276 O OE2 . GLU A 1 33 ? 7.547   -12.217 -5.068  1.00 23.16 ? 251 GLU A OE2 1 
ATOM   277 N N   . SER A 1 34 ? 3.553   -13.860 -0.229  1.00 9.82  ? 252 SER A N   1 
ATOM   278 C CA  . SER A 1 34 ? 2.386   -14.516 0.384   1.00 10.02 ? 252 SER A CA  1 
ATOM   279 C C   . SER A 1 34 ? 1.117   -13.657 0.290   1.00 11.64 ? 252 SER A C   1 
ATOM   280 O O   . SER A 1 34 ? 0.009   -14.191 0.241   1.00 11.50 ? 252 SER A O   1 
ATOM   281 C CB  . SER A 1 34 ? 2.661   -14.969 1.822   1.00 12.57 ? 252 SER A CB  1 
ATOM   282 O OG  . SER A 1 34 ? 2.845   -13.885 2.713   1.00 10.12 ? 252 SER A OG  1 
ATOM   283 N N   . ILE A 1 35 ? 1.274   -12.335 0.223   1.00 10.54 ? 253 ILE A N   1 
ATOM   284 C CA  . ILE A 1 35 ? 0.098   -11.458 0.107   1.00 11.59 ? 253 ILE A CA  1 
ATOM   285 C C   . ILE A 1 35 ? -0.289  -11.193 -1.345  1.00 10.55 ? 253 ILE A C   1 
ATOM   286 O O   . ILE A 1 35 ? -1.342  -10.621 -1.615  1.00 12.86 ? 253 ILE A O   1 
ATOM   287 C CB  . ILE A 1 35 ? 0.256   -10.114 0.881   1.00 10.91 ? 253 ILE A CB  1 
ATOM   288 C CG1 . ILE A 1 35 ? 1.345   -9.244  0.261   1.00 11.54 ? 253 ILE A CG1 1 
ATOM   289 C CG2 . ILE A 1 35 ? 0.539   -10.328 2.387   1.00 11.42 ? 253 ILE A CG2 1 
ATOM   290 C CD1 . ILE A 1 35 ? 1.578   -7.971  1.049   1.00 11.93 ? 253 ILE A CD1 1 
ATOM   291 N N   . GLY A 1 36 ? 0.567   -11.618 -2.270  1.00 11.30 ? 254 GLY A N   1 
ATOM   292 C CA  . GLY A 1 36 ? 0.239   -11.595 -3.687  1.00 11.39 ? 254 GLY A CA  1 
ATOM   293 C C   . GLY A 1 36 ? 0.536   -10.291 -4.389  1.00 12.21 ? 254 GLY A C   1 
ATOM   294 O O   . GLY A 1 36 ? -0.095  -9.981  -5.395  1.00 15.18 ? 254 GLY A O   1 
ATOM   295 N N   . LEU A 1 37 ? 1.490   -9.527  -3.874  1.00 11.64 ? 255 LEU A N   1 
ATOM   296 C CA  . LEU A 1 37 ? 1.912   -8.317  -4.578  1.00 11.12 ? 255 LEU A CA  1 
ATOM   297 C C   . LEU A 1 37 ? 2.890   -8.655  -5.693  1.00 11.33 ? 255 LEU A C   1 
ATOM   298 O O   . LEU A 1 37 ? 3.536   -9.709  -5.681  1.00 12.04 ? 255 LEU A O   1 
ATOM   299 C CB  . LEU A 1 37 ? 2.570   -7.330  -3.611  1.00 11.72 ? 255 LEU A CB  1 
ATOM   300 C CG  . LEU A 1 37 ? 1.629   -6.554  -2.693  1.00 11.69 ? 255 LEU A CG  1 
ATOM   301 C CD1 . LEU A 1 37 ? 2.441   -5.722  -1.712  1.00 12.13 ? 255 LEU A CD1 1 
ATOM   302 C CD2 . LEU A 1 37 ? 0.719   -5.665  -3.532  1.00 12.15 ? 255 LEU A CD2 1 
ATOM   303 N N   . GLN A 1 38 ? 2.995   -7.750  -6.663  1.00 11.71 ? 256 GLN A N   1 
ATOM   304 C CA  . GLN A 1 38 ? 3.948   -7.888  -7.747  1.00 11.75 ? 256 GLN A CA  1 
ATOM   305 C C   . GLN A 1 38 ? 4.633   -6.550  -7.950  1.00 11.20 ? 256 GLN A C   1 
ATOM   306 O O   . GLN A 1 38 ? 3.996   -5.498  -7.821  1.00 10.19 ? 256 GLN A O   1 
ATOM   307 C CB  . GLN A 1 38 ? 3.246   -8.339  -9.032  1.00 15.54 ? 256 GLN A CB  1 
ATOM   308 C CG  . GLN A 1 38 ? 2.640   -9.725  -8.898  1.00 19.08 ? 256 GLN A CG  1 
ATOM   309 C CD  . GLN A 1 38 ? 2.044   -10.242 -10.193 1.00 25.98 ? 256 GLN A CD  1 
ATOM   310 O OE1 . GLN A 1 38 ? 2.132   -9.590  -11.234 1.00 25.73 ? 256 GLN A OE1 1 
ATOM   311 N NE2 . GLN A 1 38 ? 1.425   -11.419 -10.130 1.00 28.30 ? 256 GLN A NE2 1 
ATOM   312 N N   . ASP A 1 39 ? 5.932   -6.600  -8.226  1.00 10.38 ? 257 ASP A N   1 
ATOM   313 C CA  . ASP A 1 39 ? 6.690   -5.385  -8.493  1.00 9.19  ? 257 ASP A CA  1 
ATOM   314 C C   . ASP A 1 39 ? 5.985   -4.605  -9.607  1.00 10.36 ? 257 ASP A C   1 
ATOM   315 O O   . ASP A 1 39 ? 5.554   -5.188  -10.610 1.00 11.73 ? 257 ASP A O   1 
ATOM   316 C CB  . ASP A 1 39 ? 8.123   -5.712  -8.926  1.00 9.77  ? 257 ASP A CB  1 
ATOM   317 C CG  . ASP A 1 39 ? 8.930   -4.465  -9.213  1.00 11.42 ? 257 ASP A CG  1 
ATOM   318 O OD1 . ASP A 1 39 ? 9.126   -3.678  -8.272  1.00 12.24 ? 257 ASP A OD1 1 
ATOM   319 O OD2 . ASP A 1 39 ? 9.361   -4.267  -10.379 1.00 13.73 ? 257 ASP A OD2 1 
ATOM   320 N N   . GLY A 1 40 ? 5.857   -3.293  -9.424  1.00 8.95  ? 258 GLY A N   1 
ATOM   321 C CA  . GLY A 1 40 ? 5.194   -2.454  -10.417 1.00 10.39 ? 258 GLY A CA  1 
ATOM   322 C C   . GLY A 1 40 ? 3.675   -2.334  -10.289 1.00 11.38 ? 258 GLY A C   1 
ATOM   323 O O   . GLY A 1 40 ? 3.041   -1.620  -11.066 1.00 10.11 ? 258 GLY A O   1 
ATOM   324 N N   . ASP A 1 41 ? 3.078   -3.032  -9.326  1.00 9.31  ? 259 ASP A N   1 
ATOM   325 C CA  . ASP A 1 41 ? 1.668   -2.814  -9.022  1.00 11.38 ? 259 ASP A CA  1 
ATOM   326 C C   . ASP A 1 41 ? 1.487   -1.349  -8.646  1.00 10.16 ? 259 ASP A C   1 
ATOM   327 O O   . ASP A 1 41 ? 2.407   -0.725  -8.113  1.00 10.34 ? 259 ASP A O   1 
ATOM   328 C CB  . ASP A 1 41 ? 1.232   -3.645  -7.824  1.00 10.40 ? 259 ASP A CB  1 
ATOM   329 C CG  . ASP A 1 41 ? 0.967   -5.094  -8.165  1.00 14.04 ? 259 ASP A CG  1 
ATOM   330 O OD1 . ASP A 1 41 ? 0.896   -5.436  -9.362  1.00 12.48 ? 259 ASP A OD1 1 
ATOM   331 O OD2 . ASP A 1 41 ? 0.803   -5.881  -7.204  1.00 10.70 ? 259 ASP A OD2 1 
ATOM   332 N N   . MET A 1 42 ? 0.301   -0.806  -8.900  1.00 10.04 ? 260 MET A N   1 
ATOM   333 C CA  . MET A 1 42 ? 0.009   0.579   -8.494  1.00 10.23 ? 260 MET A CA  1 
ATOM   334 C C   . MET A 1 42 ? -0.914  0.618   -7.285  1.00 9.61  ? 260 MET A C   1 
ATOM   335 O O   . MET A 1 42 ? -2.074  0.240   -7.383  1.00 12.94 ? 260 MET A O   1 
ATOM   336 C CB  . MET A 1 42 ? -0.624  1.372   -9.641  1.00 10.99 ? 260 MET A CB  1 
ATOM   337 C CG  . MET A 1 42 ? 0.378   1.875   -10.665 1.00 12.67 ? 260 MET A CG  1 
ATOM   338 S SD  . MET A 1 42 ? 1.514   3.082   -9.941  1.00 11.94 ? 260 MET A SD  1 
ATOM   339 C CE  . MET A 1 42 ? 0.336   4.318   -9.392  1.00 13.57 ? 260 MET A CE  1 
ATOM   340 N N   . ALA A 1 43 ? -0.408  1.092   -6.152  1.00 9.27  ? 261 ALA A N   1 
ATOM   341 C CA  . ALA A 1 43 ? -1.213  1.145   -4.936  1.00 8.64  ? 261 ALA A CA  1 
ATOM   342 C C   . ALA A 1 43 ? -2.037  2.421   -4.945  1.00 10.38 ? 261 ALA A C   1 
ATOM   343 O O   . ALA A 1 43 ? -1.509  3.516   -5.167  1.00 9.83  ? 261 ALA A O   1 
ATOM   344 C CB  . ALA A 1 43 ? -0.325  1.112   -3.719  1.00 10.33 ? 261 ALA A CB  1 
ATOM   345 N N   . VAL A 1 44 ? -3.335  2.279   -4.707  1.00 9.96  ? 262 VAL A N   1 
ATOM   346 C CA  . VAL A 1 44 ? -4.224  3.434   -4.807  1.00 13.60 ? 262 VAL A CA  1 
ATOM   347 C C   . VAL A 1 44 ? -5.029  3.707   -3.539  1.00 14.62 ? 262 VAL A C   1 
ATOM   348 O O   . VAL A 1 44 ? -5.477  4.836   -3.309  1.00 15.04 ? 262 VAL A O   1 
ATOM   349 C CB  . VAL A 1 44 ? -5.158  3.316   -6.023  1.00 13.61 ? 262 VAL A CB  1 
ATOM   350 C CG1 . VAL A 1 44 ? -4.339  3.243   -7.311  1.00 15.94 ? 262 VAL A CG1 1 
ATOM   351 C CG2 . VAL A 1 44 ? -6.042  2.083   -5.901  1.00 16.90 ? 262 VAL A CG2 1 
ATOM   352 N N   . ALA A 1 45 ? -5.213  2.688   -2.707  1.00 10.55 ? 263 ALA A N   1 
ATOM   353 C CA  . ALA A 1 45 ? -5.927  2.898   -1.450  1.00 11.87 ? 263 ALA A CA  1 
ATOM   354 C C   . ALA A 1 45 ? -5.369  2.031   -0.340  1.00 12.96 ? 263 ALA A C   1 
ATOM   355 O O   . ALA A 1 45 ? -4.763  0.986   -0.594  1.00 13.43 ? 263 ALA A O   1 
ATOM   356 C CB  . ALA A 1 45 ? -7.415  2.629   -1.635  1.00 12.23 ? 263 ALA A CB  1 
ATOM   357 N N   . LEU A 1 46 ? -5.602  2.463   0.894   1.00 12.22 ? 264 LEU A N   1 
ATOM   358 C CA  . LEU A 1 46 ? -5.205  1.718   2.078   1.00 13.17 ? 264 LEU A CA  1 
ATOM   359 C C   . LEU A 1 46 ? -6.412  1.694   3.008   1.00 15.16 ? 264 LEU A C   1 
ATOM   360 O O   . LEU A 1 46 ? -6.928  2.749   3.375   1.00 13.27 ? 264 LEU A O   1 
ATOM   361 C CB  . LEU A 1 46 ? -4.015  2.420   2.742   1.00 15.43 ? 264 LEU A CB  1 
ATOM   362 C CG  . LEU A 1 46 ? -3.273  1.728   3.878   1.00 14.96 ? 264 LEU A CG  1 
ATOM   363 C CD1 . LEU A 1 46 ? -2.953  0.278   3.519   1.00 20.48 ? 264 LEU A CD1 1 
ATOM   364 C CD2 . LEU A 1 46 ? -1.987  2.508   4.187   1.00 17.50 ? 264 LEU A CD2 1 
ATOM   365 N N   . ASN A 1 47 ? -6.885  0.497   3.364   1.00 13.76 ? 265 ASN A N   1 
ATOM   366 C CA  . ASN A 1 47 ? -8.144  0.372   4.105   1.00 16.30 ? 265 ASN A CA  1 
ATOM   367 C C   . ASN A 1 47 ? -9.314  1.133   3.464   1.00 15.65 ? 265 ASN A C   1 
ATOM   368 O O   . ASN A 1 47 ? -10.196 1.647   4.164   1.00 15.92 ? 265 ASN A O   1 
ATOM   369 C CB  . ASN A 1 47 ? -7.965  0.827   5.556   1.00 17.79 ? 265 ASN A CB  1 
ATOM   370 C CG  . ASN A 1 47 ? -7.048  -0.081  6.341   1.00 23.41 ? 265 ASN A CG  1 
ATOM   371 O OD1 . ASN A 1 47 ? -6.561  -1.090  5.828   1.00 24.47 ? 265 ASN A OD1 1 
ATOM   372 N ND2 . ASN A 1 47 ? -6.807  0.271   7.599   1.00 23.90 ? 265 ASN A ND2 1 
ATOM   373 N N   . GLY A 1 48 ? -9.316  1.216   2.135   1.00 12.48 ? 266 GLY A N   1 
ATOM   374 C CA  . GLY A 1 48 ? -10.408 1.863   1.405   1.00 14.02 ? 266 GLY A CA  1 
ATOM   375 C C   . GLY A 1 48 ? -10.286 3.375   1.331   1.00 13.58 ? 266 GLY A C   1 
ATOM   376 O O   . GLY A 1 48 ? -11.119 4.052   0.729   1.00 17.39 ? 266 GLY A O   1 
ATOM   377 N N   . LEU A 1 49 ? -9.234  3.903   1.940   1.00 10.70 ? 267 LEU A N   1 
ATOM   378 C CA  . LEU A 1 49 ? -8.995  5.329   1.982   1.00 11.56 ? 267 LEU A CA  1 
ATOM   379 C C   . LEU A 1 49 ? -7.933  5.692   0.942   1.00 13.90 ? 267 LEU A C   1 
ATOM   380 O O   . LEU A 1 49 ? -7.020  4.913   0.662   1.00 13.78 ? 267 LEU A O   1 
ATOM   381 C CB  . LEU A 1 49 ? -8.535  5.747   3.375   1.00 11.67 ? 267 LEU A CB  1 
ATOM   382 C CG  . LEU A 1 49 ? -9.570  5.557   4.497   1.00 13.49 ? 267 LEU A CG  1 
ATOM   383 C CD1 . LEU A 1 49 ? -8.894  5.421   5.848   1.00 15.48 ? 267 LEU A CD1 1 
ATOM   384 C CD2 . LEU A 1 49 ? -10.572 6.706   4.493   1.00 15.06 ? 267 LEU A CD2 1 
ATOM   385 N N   . ASP A 1 50 ? -8.052  6.891   0.388   1.00 13.83 ? 268 ASP A N   1 
ATOM   386 C CA  . ASP A 1 50 ? -7.207  7.307   -0.731  1.00 14.10 ? 268 ASP A CA  1 
ATOM   387 C C   . ASP A 1 50 ? -5.774  7.580   -0.259  1.00 13.01 ? 268 ASP A C   1 
ATOM   388 O O   . ASP A 1 50 ? -5.550  8.456   0.565   1.00 13.42 ? 268 ASP A O   1 
ATOM   389 C CB  . ASP A 1 50 ? -7.848  8.549   -1.364  1.00 13.20 ? 268 ASP A CB  1 
ATOM   390 C CG  . ASP A 1 50 ? -7.196  8.968   -2.675  1.00 16.16 ? 268 ASP A CG  1 
ATOM   391 O OD1 . ASP A 1 50 ? -6.009  8.646   -2.925  1.00 14.90 ? 268 ASP A OD1 1 
ATOM   392 O OD2 . ASP A 1 50 ? -7.900  9.654   -3.448  1.00 16.48 ? 268 ASP A OD2 1 
ATOM   393 N N   . LEU A 1 51 ? -4.804  6.824   -0.785  1.00 12.28 ? 269 LEU A N   1 
ATOM   394 C CA  . LEU A 1 51 ? -3.396  6.980   -0.393  1.00 12.72 ? 269 LEU A CA  1 
ATOM   395 C C   . LEU A 1 51 ? -2.849  8.373   -0.692  1.00 10.87 ? 269 LEU A C   1 
ATOM   396 O O   . LEU A 1 51 ? -1.835  8.792   -0.106  1.00 14.35 ? 269 LEU A O   1 
ATOM   397 C CB  . LEU A 1 51 ? -2.509  5.947   -1.111  1.00 14.02 ? 269 LEU A CB  1 
ATOM   398 C CG  . LEU A 1 51 ? -2.301  4.585   -0.436  1.00 14.77 ? 269 LEU A CG  1 
ATOM   399 C CD1 . LEU A 1 51 ? -1.691  3.572   -1.410  1.00 14.49 ? 269 LEU A CD1 1 
ATOM   400 C CD2 . LEU A 1 51 ? -1.441  4.693   0.818   1.00 15.48 ? 269 LEU A CD2 1 
ATOM   401 N N   . THR A 1 52 ? -3.509  9.073   -1.610  1.00 11.78 ? 270 THR A N   1 
ATOM   402 C CA  . THR A 1 52 ? -3.026  10.380  -2.075  1.00 12.96 ? 270 THR A CA  1 
ATOM   403 C C   . THR A 1 52 ? -3.564  11.539  -1.240  1.00 13.23 ? 270 THR A C   1 
ATOM   404 O O   . THR A 1 52 ? -3.317  12.704  -1.558  1.00 12.54 ? 270 THR A O   1 
ATOM   405 C CB  . THR A 1 52 ? -3.359  10.626  -3.561  1.00 13.05 ? 270 THR A CB  1 
ATOM   406 O OG1 . THR A 1 52 ? -4.769  10.843  -3.719  1.00 12.97 ? 270 THR A OG1 1 
ATOM   407 C CG2 . THR A 1 52 ? -2.904  9.429   -4.418  1.00 15.58 ? 270 THR A CG2 1 
ATOM   408 N N   . ASP A 1 53 ? -4.302  11.216  -0.181  1.00 10.71 ? 271 ASP A N   1 
ATOM   409 C CA  . ASP A 1 53 ? -4.754  12.220  0.785   1.00 12.22 ? 271 ASP A CA  1 
ATOM   410 C C   . ASP A 1 53 ? -3.813  12.200  1.991   1.00 11.47 ? 271 ASP A C   1 
ATOM   411 O O   . ASP A 1 53 ? -3.975  11.366  2.891   1.00 10.65 ? 271 ASP A O   1 
ATOM   412 C CB  . ASP A 1 53 ? -6.174  11.905  1.267   1.00 12.67 ? 271 ASP A CB  1 
ATOM   413 C CG  . ASP A 1 53 ? -7.240  12.233  0.246   1.00 14.14 ? 271 ASP A CG  1 
ATOM   414 O OD1 . ASP A 1 53 ? -7.050  13.156  -0.572  1.00 13.70 ? 271 ASP A OD1 1 
ATOM   415 O OD2 . ASP A 1 53 ? -8.285  11.556  0.280   1.00 11.53 ? 271 ASP A OD2 1 
ATOM   416 N N   . PRO A 1 54 ? -2.829  13.114  2.030   1.00 11.17 ? 272 PRO A N   1 
ATOM   417 C CA  . PRO A 1 54 ? -1.796  13.007  3.062   1.00 11.40 ? 272 PRO A CA  1 
ATOM   418 C C   . PRO A 1 54 ? -2.307  13.183  4.488   1.00 11.09 ? 272 PRO A C   1 
ATOM   419 O O   . PRO A 1 54 ? -1.796  12.535  5.400   1.00 10.94 ? 272 PRO A O   1 
ATOM   420 C CB  . PRO A 1 54 ? -0.812  14.123  2.701   1.00 13.00 ? 272 PRO A CB  1 
ATOM   421 C CG  . PRO A 1 54 ? -1.627  15.111  1.932   1.00 10.47 ? 272 PRO A CG  1 
ATOM   422 C CD  . PRO A 1 54 ? -2.606  14.268  1.144   1.00 11.46 ? 272 PRO A CD  1 
ATOM   423 N N   . ASN A 1 55 ? -3.302  14.049  4.696   1.00 9.17  ? 273 ASN A N   1 
ATOM   424 C CA  . ASN A 1 55 ? -3.803  14.249  6.055   1.00 9.91  ? 273 ASN A CA  1 
ATOM   425 C C   . ASN A 1 55 ? -4.602  13.049  6.548   1.00 8.91  ? 273 ASN A C   1 
ATOM   426 O O   . ASN A 1 55 ? -4.493  12.650  7.708   1.00 10.31 ? 273 ASN A O   1 
ATOM   427 C CB  . ASN A 1 55 ? -4.610  15.544  6.112   1.00 9.28  ? 273 ASN A CB  1 
ATOM   428 C CG  . ASN A 1 55 ? -3.783  16.723  5.680   1.00 9.75  ? 273 ASN A CG  1 
ATOM   429 O OD1 . ASN A 1 55 ? -2.670  16.918  6.188   1.00 11.33 ? 273 ASN A OD1 1 
ATOM   430 N ND2 . ASN A 1 55 ? -4.280  17.488  4.715   1.00 10.87 ? 273 ASN A ND2 1 
ATOM   431 N N   . VAL A 1 56 ? -5.386  12.465  5.645   1.00 7.85  ? 274 VAL A N   1 
ATOM   432 C CA  . VAL A 1 56 ? -6.115  11.236  5.933   1.00 9.00  ? 274 VAL A CA  1 
ATOM   433 C C   . VAL A 1 56 ? -5.122  10.134  6.281   1.00 8.82  ? 274 VAL A C   1 
ATOM   434 O O   . VAL A 1 56 ? -5.286  9.429   7.267   1.00 10.35 ? 274 VAL A O   1 
ATOM   435 C CB  . VAL A 1 56 ? -6.980  10.823  4.744   1.00 9.89  ? 274 VAL A CB  1 
ATOM   436 C CG1 . VAL A 1 56 ? -7.662  9.485   5.016   1.00 10.90 ? 274 VAL A CG1 1 
ATOM   437 C CG2 . VAL A 1 56 ? -8.029  11.910  4.457   1.00 11.58 ? 274 VAL A CG2 1 
ATOM   438 N N   . MET A 1 57 ? -4.084  9.997   5.461   1.00 9.83  ? 275 MET A N   1 
ATOM   439 C CA  . MET A 1 57 ? -3.043  9.002   5.735   1.00 9.86  ? 275 MET A CA  1 
ATOM   440 C C   . MET A 1 57 ? -2.345  9.237   7.081   1.00 10.46 ? 275 MET A C   1 
ATOM   441 O O   . MET A 1 57 ? -2.170  8.311   7.871   1.00 12.65 ? 275 MET A O   1 
ATOM   442 C CB  . MET A 1 57 ? -2.050  8.939   4.571   1.00 9.36  ? 275 MET A CB  1 
ATOM   443 C CG  . MET A 1 57 ? -2.666  8.347   3.318   1.00 10.90 ? 275 MET A CG  1 
ATOM   444 S SD  . MET A 1 57 ? -3.196  6.627   3.565   1.00 13.42 ? 275 MET A SD  1 
ATOM   445 C CE  . MET A 1 57 ? -4.960  6.819   3.776   1.00 15.45 ? 275 MET A CE  1 
ATOM   446 N N   . ASN A 1 58 ? -1.970  10.478  7.372   1.00 10.37 ? 276 ASN A N   1 
ATOM   447 C CA  . ASN A 1 58 ? -1.403  10.787  8.680   1.00 10.57 ? 276 ASN A CA  1 
ATOM   448 C C   . ASN A 1 58 ? -2.280  10.284  9.829   1.00 12.83 ? 276 ASN A C   1 
ATOM   449 O O   . ASN A 1 58 ? -1.803  9.644   10.768  1.00 13.83 ? 276 ASN A O   1 
ATOM   450 C CB  . ASN A 1 58 ? -1.169  12.284  8.823   1.00 12.23 ? 276 ASN A CB  1 
ATOM   451 C CG  . ASN A 1 58 ? -0.465  12.629  10.110  1.00 16.61 ? 276 ASN A CG  1 
ATOM   452 O OD1 . ASN A 1 58 ? 0.621   12.113  10.393  1.00 23.16 ? 276 ASN A OD1 1 
ATOM   453 N ND2 . ASN A 1 58 ? -1.080  13.490  10.908  1.00 20.31 ? 276 ASN A ND2 1 
ATOM   454 N N   . THR A 1 59 ? -3.576  10.549  9.730   1.00 11.15 ? 277 THR A N   1 
ATOM   455 C CA  . THR A 1 59 ? -4.494  10.147  10.782  1.00 12.29 ? 277 THR A CA  1 
ATOM   456 C C   . THR A 1 59 ? -4.537  8.626   10.892  1.00 12.98 ? 277 THR A C   1 
ATOM   457 O O   . THR A 1 59 ? -4.489  8.076   11.996  1.00 12.96 ? 277 THR A O   1 
ATOM   458 C CB  . THR A 1 59 ? -5.883  10.712  10.528  1.00 13.28 ? 277 THR A CB  1 
ATOM   459 O OG1 . THR A 1 59 ? -5.832  12.132  10.673  1.00 14.23 ? 277 THR A OG1 1 
ATOM   460 C CG2 . THR A 1 59 ? -6.887  10.149  11.524  1.00 12.75 ? 277 THR A CG2 1 
ATOM   461 N N   . LEU A 1 60 ? -4.615  7.950   9.750   1.00 11.61 ? 278 LEU A N   1 
ATOM   462 C CA  . LEU A 1 60 ? -4.634  6.485   9.749   1.00 13.65 ? 278 LEU A CA  1 
ATOM   463 C C   . LEU A 1 60 ? -3.364  5.930   10.401  1.00 14.98 ? 278 LEU A C   1 
ATOM   464 O O   . LEU A 1 60 ? -3.421  5.029   11.249  1.00 16.21 ? 278 LEU A O   1 
ATOM   465 C CB  . LEU A 1 60 ? -4.797  5.943   8.329   1.00 14.31 ? 278 LEU A CB  1 
ATOM   466 C CG  . LEU A 1 60 ? -4.992  4.436   8.159   1.00 14.74 ? 278 LEU A CG  1 
ATOM   467 C CD1 . LEU A 1 60 ? -6.264  3.960   8.867   1.00 17.88 ? 278 LEU A CD1 1 
ATOM   468 C CD2 . LEU A 1 60 ? -5.044  4.094   6.681   1.00 17.13 ? 278 LEU A CD2 1 
ATOM   469 N N   . PHE A 1 61 ? -2.215  6.492   10.037  1.00 13.76 ? 279 PHE A N   1 
ATOM   470 C CA  . PHE A 1 61 ? -0.941  6.013   10.596  1.00 17.15 ? 279 PHE A CA  1 
ATOM   471 C C   . PHE A 1 61 ? -0.805  6.218   12.105  1.00 18.30 ? 279 PHE A C   1 
ATOM   472 O O   . PHE A 1 61 ? -0.162  5.411   12.790  1.00 20.53 ? 279 PHE A O   1 
ATOM   473 C CB  . PHE A 1 61 ? 0.239   6.642   9.855   1.00 16.42 ? 279 PHE A CB  1 
ATOM   474 C CG  . PHE A 1 61 ? 0.306   6.265   8.407   1.00 16.39 ? 279 PHE A CG  1 
ATOM   475 C CD1 . PHE A 1 61 ? 0.021   4.979   8.002   1.00 18.56 ? 279 PHE A CD1 1 
ATOM   476 C CD2 . PHE A 1 61 ? 0.651   7.199   7.447   1.00 17.72 ? 279 PHE A CD2 1 
ATOM   477 C CE1 . PHE A 1 61 ? 0.079   4.626   6.666   1.00 21.51 ? 279 PHE A CE1 1 
ATOM   478 C CE2 . PHE A 1 61 ? 0.717   6.852   6.113   1.00 18.20 ? 279 PHE A CE2 1 
ATOM   479 C CZ  . PHE A 1 61 ? 0.429   5.560   5.722   1.00 17.88 ? 279 PHE A CZ  1 
ATOM   480 N N   . GLN A 1 62 ? -1.412  7.281   12.627  1.00 17.45 ? 280 GLN A N   1 
ATOM   481 C CA  . GLN A 1 62 ? -1.408  7.522   14.072  1.00 21.32 ? 280 GLN A CA  1 
ATOM   482 C C   . GLN A 1 62 ? -2.135  6.415   14.835  1.00 21.95 ? 280 GLN A C   1 
ATOM   483 O O   . GLN A 1 62 ? -1.933  6.250   16.037  1.00 23.88 ? 280 GLN A O   1 
ATOM   484 C CB  . GLN A 1 62 ? -2.046  8.873   14.400  1.00 22.22 ? 280 GLN A CB  1 
ATOM   485 C CG  . GLN A 1 62 ? -1.219  10.072  13.975  1.00 24.55 ? 280 GLN A CG  1 
ATOM   486 C CD  . GLN A 1 62 ? -1.895  11.389  14.320  1.00 28.04 ? 280 GLN A CD  1 
ATOM   487 O OE1 . GLN A 1 62 ? -1.303  12.461  14.167  1.00 36.56 ? 280 GLN A OE1 1 
ATOM   488 N NE2 . GLN A 1 62 ? -3.143  11.317  14.784  1.00 28.36 ? 280 GLN A NE2 1 
ATOM   489 N N   . SER A 1 63 ? -2.978  5.659   14.135  1.00 21.07 ? 281 SER A N   1 
ATOM   490 C CA  . SER A 1 63 ? -3.788  4.621   14.766  1.00 23.38 ? 281 SER A CA  1 
ATOM   491 C C   . SER A 1 63 ? -3.212  3.231   14.530  1.00 24.99 ? 281 SER A C   1 
ATOM   492 O O   . SER A 1 63 ? -3.770  2.231   14.984  1.00 23.43 ? 281 SER A O   1 
ATOM   493 C CB  . SER A 1 63 ? -5.216  4.658   14.209  1.00 24.25 ? 281 SER A CB  1 
ATOM   494 O OG  . SER A 1 63 ? -5.291  3.966   12.965  1.00 23.34 ? 281 SER A OG  1 
ATOM   495 N N   . MET A 1 64 ? -2.098  3.157   13.820  1.00 27.22 ? 282 MET A N   1 
ATOM   496 C CA  . MET A 1 64 ? -1.682  1.861   13.309  1.00 31.45 ? 282 MET A CA  1 
ATOM   497 C C   . MET A 1 64 ? -1.178  0.880   14.373  1.00 30.98 ? 282 MET A C   1 
ATOM   498 O O   . MET A 1 64 ? -1.171  -0.328  14.146  1.00 31.05 ? 282 MET A O   1 
ATOM   499 C CB  . MET A 1 64 ? -0.695  2.009   12.163  1.00 33.03 ? 282 MET A CB  1 
ATOM   500 C CG  . MET A 1 64 ? -1.028  1.082   11.024  1.00 33.54 ? 282 MET A CG  1 
ATOM   501 S SD  . MET A 1 64 ? 0.005   1.415   9.611   1.00 37.67 ? 282 MET A SD  1 
ATOM   502 C CE  . MET A 1 64 ? 1.599   0.980   10.296  1.00 38.06 ? 282 MET A CE  1 
ATOM   503 N N   . ASN A 1 65 ? -0.790  1.392   15.536  1.00 31.85 ? 283 ASN A N   1 
ATOM   504 C CA  . ASN A 1 65 ? -0.408  0.524   16.645  1.00 31.68 ? 283 ASN A CA  1 
ATOM   505 C C   . ASN A 1 65 ? -1.587  -0.283  17.196  1.00 30.98 ? 283 ASN A C   1 
ATOM   506 O O   . ASN A 1 65 ? -1.391  -1.235  17.960  1.00 30.79 ? 283 ASN A O   1 
ATOM   507 C CB  . ASN A 1 65 ? 0.238   1.329   17.769  1.00 34.39 ? 283 ASN A CB  1 
ATOM   508 C CG  . ASN A 1 65 ? -0.655  2.437   18.274  1.00 37.34 ? 283 ASN A CG  1 
ATOM   509 O OD1 . ASN A 1 65 ? -1.080  3.308   17.511  1.00 40.97 ? 283 ASN A OD1 1 
ATOM   510 N ND2 . ASN A 1 65 ? -0.939  2.420   19.572  1.00 40.64 ? 283 ASN A ND2 1 
ATOM   511 N N   . GLU A 1 66 ? -2.806  0.105   16.824  1.00 27.99 ? 284 GLU A N   1 
ATOM   512 C CA  . GLU A 1 66 ? -4.003  -0.626  17.234  1.00 26.80 ? 284 GLU A CA  1 
ATOM   513 C C   . GLU A 1 66 ? -4.508  -1.542  16.129  1.00 26.69 ? 284 GLU A C   1 
ATOM   514 O O   . GLU A 1 66 ? -5.509  -2.237  16.295  1.00 25.59 ? 284 GLU A O   1 
ATOM   515 C CB  . GLU A 1 66 ? -5.122  0.329   17.654  1.00 29.14 ? 284 GLU A CB  1 
ATOM   516 C CG  . GLU A 1 66 ? -5.021  0.825   19.084  1.00 33.72 ? 284 GLU A CG  1 
ATOM   517 C CD  . GLU A 1 66 ? -4.090  2.010   19.229  1.00 39.44 ? 284 GLU A CD  1 
ATOM   518 O OE1 . GLU A 1 66 ? -3.971  2.794   18.263  1.00 42.12 ? 284 GLU A OE1 1 
ATOM   519 O OE2 . GLU A 1 66 ? -3.484  2.160   20.313  1.00 42.76 ? 284 GLU A OE2 1 
ATOM   520 N N   . MET A 1 67 ? -3.818  -1.529  14.997  1.00 25.91 ? 285 MET A N   1 
ATOM   521 C CA  . MET A 1 67 ? -4.238  -2.333  13.861  1.00 26.46 ? 285 MET A CA  1 
ATOM   522 C C   . MET A 1 67 ? -3.637  -3.726  13.894  1.00 23.61 ? 285 MET A C   1 
ATOM   523 O O   . MET A 1 67 ? -2.468  -3.895  14.239  1.00 22.52 ? 285 MET A O   1 
ATOM   524 C CB  . MET A 1 67 ? -3.835  -1.659  12.563  1.00 27.83 ? 285 MET A CB  1 
ATOM   525 C CG  . MET A 1 67 ? -4.504  -0.337  12.345  1.00 32.06 ? 285 MET A CG  1 
ATOM   526 S SD  . MET A 1 67 ? -4.812  -0.115  10.597  1.00 30.04 ? 285 MET A SD  1 
ATOM   527 C CE  . MET A 1 67 ? -6.322  -1.055  10.415  1.00 37.94 ? 285 MET A CE  1 
ATOM   528 N N   . THR A 1 68 ? -4.436  -4.717  13.519  1.00 20.93 ? 286 THR A N   1 
ATOM   529 C CA  . THR A 1 68 ? -3.920  -6.072  13.384  1.00 22.35 ? 286 THR A CA  1 
ATOM   530 C C   . THR A 1 68 ? -3.867  -6.502  11.921  1.00 19.93 ? 286 THR A C   1 
ATOM   531 O O   . THR A 1 68 ? -3.307  -7.545  11.596  1.00 17.46 ? 286 THR A O   1 
ATOM   532 C CB  . THR A 1 68 ? -4.754  -7.096  14.178  1.00 24.04 ? 286 THR A CB  1 
ATOM   533 O OG1 . THR A 1 68 ? -6.106  -7.093  13.702  1.00 27.32 ? 286 THR A OG1 1 
ATOM   534 C CG2 . THR A 1 68 ? -4.734  -6.761  15.669  1.00 26.04 ? 286 THR A CG2 1 
ATOM   535 N N   . GLU A 1 69 ? -4.461  -5.698  11.044  1.00 19.04 ? 287 GLU A N   1 
ATOM   536 C CA  . GLU A 1 69 ? -4.468  -6.011  9.620   1.00 19.81 ? 287 GLU A CA  1 
ATOM   537 C C   . GLU A 1 69 ? -4.768  -4.754  8.826   1.00 19.01 ? 287 GLU A C   1 
ATOM   538 O O   . GLU A 1 69 ? -5.320  -3.795  9.368   1.00 18.27 ? 287 GLU A O   1 
ATOM   539 C CB  . GLU A 1 69 ? -5.521  -7.079  9.307   1.00 20.07 ? 287 GLU A CB  1 
ATOM   540 C CG  . GLU A 1 69 ? -6.935  -6.677  9.715   1.00 23.28 ? 287 GLU A CG  1 
ATOM   541 C CD  . GLU A 1 69 ? -7.937  -7.824  9.656   1.00 26.69 ? 287 GLU A CD  1 
ATOM   542 O OE1 . GLU A 1 69 ? -7.523  -8.992  9.501   1.00 29.61 ? 287 GLU A OE1 1 
ATOM   543 O OE2 . GLU A 1 69 ? -9.151  -7.549  9.771   1.00 31.04 ? 287 GLU A OE2 1 
ATOM   544 N N   . MET A 1 70 ? -4.402  -4.766  7.547   1.00 17.88 ? 288 MET A N   1 
ATOM   545 C CA  . MET A 1 70 ? -4.684  -3.659  6.630   1.00 18.99 ? 288 MET A CA  1 
ATOM   546 C C   . MET A 1 70 ? -4.997  -4.224  5.256   1.00 16.70 ? 288 MET A C   1 
ATOM   547 O O   . MET A 1 70 ? -4.555  -5.321  4.919   1.00 15.57 ? 288 MET A O   1 
ATOM   548 C CB  . MET A 1 70 ? -3.465  -2.757  6.470   1.00 16.24 ? 288 MET A CB  1 
ATOM   549 C CG  . MET A 1 70 ? -2.947  -2.125  7.722   1.00 25.05 ? 288 MET A CG  1 
ATOM   550 S SD  . MET A 1 70 ? -1.738  -0.871  7.280   1.00 29.62 ? 288 MET A SD  1 
ATOM   551 C CE  . MET A 1 70 ? -0.875  -1.653  5.926   1.00 22.82 ? 288 MET A CE  1 
ATOM   552 N N   . SER A 1 71 ? -5.747  -3.476  4.453   1.00 16.22 ? 289 SER A N   1 
ATOM   553 C CA  . SER A 1 71 ? -5.920  -3.845  3.050   1.00 15.78 ? 289 SER A CA  1 
ATOM   554 C C   . SER A 1 71 ? -5.298  -2.785  2.166   1.00 17.93 ? 289 SER A C   1 
ATOM   555 O O   . SER A 1 71 ? -5.469  -1.587  2.398   1.00 20.99 ? 289 SER A O   1 
ATOM   556 C CB  . SER A 1 71 ? -7.392  -3.988  2.693   1.00 18.34 ? 289 SER A CB  1 
ATOM   557 O OG  . SER A 1 71 ? -7.973  -2.707  2.550   1.00 25.95 ? 289 SER A OG  1 
ATOM   558 N N   . LEU A 1 72 ? -4.583  -3.231  1.146   1.00 13.69 ? 290 LEU A N   1 
ATOM   559 C CA  . LEU A 1 72 ? -3.992  -2.331  0.172   1.00 12.94 ? 290 LEU A CA  1 
ATOM   560 C C   . LEU A 1 72 ? -4.672  -2.622  -1.158  1.00 12.81 ? 290 LEU A C   1 
ATOM   561 O O   . LEU A 1 72 ? -4.651  -3.756  -1.629  1.00 12.34 ? 290 LEU A O   1 
ATOM   562 C CB  . LEU A 1 72 ? -2.498  -2.615  0.072   1.00 13.69 ? 290 LEU A CB  1 
ATOM   563 C CG  . LEU A 1 72 ? -1.601  -1.735  -0.788  1.00 15.09 ? 290 LEU A CG  1 
ATOM   564 C CD1 . LEU A 1 72 ? -1.520  -0.309  -0.243  1.00 15.14 ? 290 LEU A CD1 1 
ATOM   565 C CD2 . LEU A 1 72 ? -0.216  -2.361  -0.832  1.00 16.14 ? 290 LEU A CD2 1 
ATOM   566 N N   . THR A 1 73 ? -5.295  -1.606  -1.752  1.00 10.58 ? 291 THR A N   1 
ATOM   567 C CA  . THR A 1 73 ? -5.929  -1.783  -3.046  1.00 10.72 ? 291 THR A CA  1 
ATOM   568 C C   . THR A 1 73 ? -4.887  -1.471  -4.103  1.00 11.63 ? 291 THR A C   1 
ATOM   569 O O   . THR A 1 73 ? -4.301  -0.388  -4.092  1.00 12.15 ? 291 THR A O   1 
ATOM   570 C CB  . THR A 1 73 ? -7.134  -0.836  -3.231  1.00 10.49 ? 291 THR A CB  1 
ATOM   571 O OG1 . THR A 1 73 ? -8.102  -1.077  -2.199  1.00 11.89 ? 291 THR A OG1 1 
ATOM   572 C CG2 . THR A 1 73 ? -7.789  -1.067  -4.598  1.00 13.63 ? 291 THR A CG2 1 
ATOM   573 N N   . VAL A 1 74 ? -4.651  -2.411  -5.010  1.00 10.49 ? 292 VAL A N   1 
ATOM   574 C CA  . VAL A 1 74 ? -3.684  -2.158  -6.089  1.00 10.44 ? 292 VAL A CA  1 
ATOM   575 C C   . VAL A 1 74 ? -4.320  -2.300  -7.464  1.00 11.82 ? 292 VAL A C   1 
ATOM   576 O O   . VAL A 1 74 ? -5.328  -2.991  -7.618  1.00 11.77 ? 292 VAL A O   1 
ATOM   577 C CB  . VAL A 1 74 ? -2.459  -3.087  -6.009  1.00 9.49  ? 292 VAL A CB  1 
ATOM   578 C CG1 . VAL A 1 74 ? -1.765  -2.944  -4.649  1.00 12.31 ? 292 VAL A CG1 1 
ATOM   579 C CG2 . VAL A 1 74 ? -2.862  -4.541  -6.275  1.00 11.52 ? 292 VAL A CG2 1 
ATOM   580 N N   . GLU A 1 75 ? -3.716  -1.648  -8.451  1.00 10.31 ? 293 GLU A N   1 
ATOM   581 C CA  . GLU A 1 75 ? -4.143  -1.763  -9.838  1.00 10.86 ? 293 GLU A CA  1 
ATOM   582 C C   . GLU A 1 75 ? -3.058  -2.506  -10.610 1.00 11.91 ? 293 GLU A C   1 
ATOM   583 O O   . GLU A 1 75 ? -1.876  -2.164  -10.519 1.00 12.50 ? 293 GLU A O   1 
ATOM   584 C CB  . GLU A 1 75 ? -4.356  -0.376  -10.432 1.00 13.25 ? 293 GLU A CB  1 
ATOM   585 C CG  . GLU A 1 75 ? -5.196  -0.344  -11.691 1.00 19.09 ? 293 GLU A CG  1 
ATOM   586 C CD  . GLU A 1 75 ? -5.764  1.041   -11.939 1.00 22.42 ? 293 GLU A CD  1 
ATOM   587 O OE1 . GLU A 1 75 ? -4.970  1.957   -12.236 1.00 23.72 ? 293 GLU A OE1 1 
ATOM   588 O OE2 . GLU A 1 75 ? -6.998  1.223   -11.809 1.00 26.41 ? 293 GLU A OE2 1 
ATOM   589 N N   . ARG A 1 76 ? -3.471  -3.527  -11.361 1.00 10.00 ? 294 ARG A N   1 
ATOM   590 C CA  . ARG A 1 76 ? -2.565  -4.374  -12.109 1.00 10.26 ? 294 ARG A CA  1 
ATOM   591 C C   . ARG A 1 76 ? -3.280  -4.758  -13.401 1.00 13.09 ? 294 ARG A C   1 
ATOM   592 O O   . ARG A 1 76 ? -4.386  -5.288  -13.363 1.00 13.94 ? 294 ARG A O   1 
ATOM   593 C CB  . ARG A 1 76 ? -2.207  -5.626  -11.288 1.00 11.13 ? 294 ARG A CB  1 
ATOM   594 C CG  . ARG A 1 76 ? -1.221  -6.558  -11.971 1.00 11.97 ? 294 ARG A CG  1 
ATOM   595 C CD  . ARG A 1 76 ? -1.153  -7.896  -11.238 1.00 13.71 ? 294 ARG A CD  1 
ATOM   596 N NE  . ARG A 1 76 ? -0.757  -7.692  -9.853  1.00 13.13 ? 294 ARG A NE  1 
ATOM   597 C CZ  . ARG A 1 76 ? -0.958  -8.567  -8.873  1.00 15.08 ? 294 ARG A CZ  1 
ATOM   598 N NH1 . ARG A 1 76 ? -1.561  -9.721  -9.130  1.00 15.57 ? 294 ARG A NH1 1 
ATOM   599 N NH2 . ARG A 1 76 ? -0.565  -8.278  -7.635  1.00 12.94 ? 294 ARG A NH2 1 
ATOM   600 N N   . ASP A 1 77 ? -2.659  -4.442  -14.531 1.00 13.17 ? 295 ASP A N   1 
ATOM   601 C CA  . ASP A 1 77 ? -3.249  -4.715  -15.844 1.00 16.09 ? 295 ASP A CA  1 
ATOM   602 C C   . ASP A 1 77 ? -4.663  -4.126  -15.964 1.00 17.89 ? 295 ASP A C   1 
ATOM   603 O O   . ASP A 1 77 ? -5.573  -4.747  -16.535 1.00 20.63 ? 295 ASP A O   1 
ATOM   604 C CB  . ASP A 1 77 ? -3.237  -6.216  -16.134 1.00 18.18 ? 295 ASP A CB  1 
ATOM   605 C CG  . ASP A 1 77 ? -1.849  -6.815  -16.024 1.00 24.46 ? 295 ASP A CG  1 
ATOM   606 O OD1 . ASP A 1 77 ? -0.870  -6.146  -16.433 1.00 28.23 ? 295 ASP A OD1 1 
ATOM   607 O OD2 . ASP A 1 77 ? -1.733  -7.952  -15.519 1.00 29.87 ? 295 ASP A OD2 1 
ATOM   608 N N   . GLY A 1 78 ? -4.830  -2.928  -15.413 1.00 16.64 ? 296 GLY A N   1 
ATOM   609 C CA  . GLY A 1 78 ? -6.062  -2.155  -15.545 1.00 18.16 ? 296 GLY A CA  1 
ATOM   610 C C   . GLY A 1 78 ? -7.187  -2.566  -14.620 1.00 20.46 ? 296 GLY A C   1 
ATOM   611 O O   . GLY A 1 78 ? -8.283  -2.007  -14.683 1.00 23.20 ? 296 GLY A O   1 
ATOM   612 N N   . GLN A 1 79 ? -6.926  -3.544  -13.759 1.00 17.76 ? 297 GLN A N   1 
ATOM   613 C CA  . GLN A 1 79 ? -7.948  -4.024  -12.836 1.00 20.20 ? 297 GLN A CA  1 
ATOM   614 C C   . GLN A 1 79 ? -7.491  -3.831  -11.403 1.00 18.91 ? 297 GLN A C   1 
ATOM   615 O O   . GLN A 1 79 ? -6.303  -3.910  -11.121 1.00 16.36 ? 297 GLN A O   1 
ATOM   616 C CB  . GLN A 1 79 ? -8.228  -5.505  -13.070 1.00 22.54 ? 297 GLN A CB  1 
ATOM   617 C CG  . GLN A 1 79 ? -8.932  -5.810  -14.378 1.00 31.47 ? 297 GLN A CG  1 
ATOM   618 C CD  . GLN A 1 79 ? -9.383  -7.253  -14.455 1.00 36.96 ? 297 GLN A CD  1 
ATOM   619 O OE1 . GLN A 1 79 ? -8.578  -8.179  -14.308 1.00 41.15 ? 297 GLN A OE1 1 
ATOM   620 N NE2 . GLN A 1 79 ? -10.676 -7.457  -14.683 1.00 39.72 ? 297 GLN A NE2 1 
ATOM   621 N N   . GLN A 1 80 ? -8.438  -3.593  -10.505 1.00 17.70 ? 298 GLN A N   1 
ATOM   622 C CA  . GLN A 1 80 ? -8.098  -3.429  -9.091  1.00 17.70 ? 298 GLN A CA  1 
ATOM   623 C C   . GLN A 1 80 ? -8.429  -4.663  -8.260  1.00 18.51 ? 298 GLN A C   1 
ATOM   624 O O   . GLN A 1 80 ? -9.414  -5.364  -8.517  1.00 18.69 ? 298 GLN A O   1 
ATOM   625 C CB  . GLN A 1 80 ? -8.785  -2.194  -8.512  1.00 17.88 ? 298 GLN A CB  1 
ATOM   626 C CG  . GLN A 1 80 ? -8.223  -0.874  -9.053  1.00 19.51 ? 298 GLN A CG  1 
ATOM   627 C CD  . GLN A 1 80 ? -8.827  0.346   -8.384  1.00 19.97 ? 298 GLN A CD  1 
ATOM   628 O OE1 . GLN A 1 80 ? -9.648  0.227   -7.479  1.00 24.28 ? 298 GLN A OE1 1 
ATOM   629 N NE2 . GLN A 1 80 ? -8.414  1.531   -8.825  1.00 22.64 ? 298 GLN A NE2 1 
ATOM   630 N N   . HIS A 1 81 ? -7.590  -4.936  -7.268  1.00 15.01 ? 299 HIS A N   1 
ATOM   631 C CA  . HIS A 1 81 ? -7.957  -5.899  -6.245  1.00 15.20 ? 299 HIS A CA  1 
ATOM   632 C C   . HIS A 1 81 ? -7.315  -5.537  -4.916  1.00 13.60 ? 299 HIS A C   1 
ATOM   633 O O   . HIS A 1 81 ? -6.404  -4.705  -4.856  1.00 11.89 ? 299 HIS A O   1 
ATOM   634 C CB  . HIS A 1 81 ? -7.585  -7.322  -6.652  1.00 17.16 ? 299 HIS A CB  1 
ATOM   635 C CG  . HIS A 1 81 ? -6.126  -7.625  -6.528  1.00 19.39 ? 299 HIS A CG  1 
ATOM   636 N ND1 . HIS A 1 81 ? -5.219  -7.326  -7.520  1.00 21.44 ? 299 HIS A ND1 1 
ATOM   637 C CD2 . HIS A 1 81 ? -5.420  -8.221  -5.538  1.00 20.61 ? 299 HIS A CD2 1 
ATOM   638 C CE1 . HIS A 1 81 ? -4.013  -7.715  -7.143  1.00 22.64 ? 299 HIS A CE1 1 
ATOM   639 N NE2 . HIS A 1 81 ? -4.108  -8.261  -5.943  1.00 23.83 ? 299 HIS A NE2 1 
ATOM   640 N N   . ASP A 1 82 ? -7.800  -6.172  -3.855  1.00 12.37 ? 300 ASP A N   1 
ATOM   641 C CA  . ASP A 1 82 ? -7.320  -5.871  -2.517  1.00 12.34 ? 300 ASP A CA  1 
ATOM   642 C C   . ASP A 1 82 ? -6.322  -6.917  -2.052  1.00 13.49 ? 300 ASP A C   1 
ATOM   643 O O   . ASP A 1 82 ? -6.532  -8.125  -2.234  1.00 14.92 ? 300 ASP A O   1 
ATOM   644 C CB  . ASP A 1 82 ? -8.490  -5.792  -1.538  1.00 13.00 ? 300 ASP A CB  1 
ATOM   645 C CG  . ASP A 1 82 ? -9.291  -4.514  -1.699  1.00 18.01 ? 300 ASP A CG  1 
ATOM   646 O OD1 . ASP A 1 82 ? -8.854  -3.632  -2.474  1.00 17.36 ? 300 ASP A OD1 1 
ATOM   647 O OD2 . ASP A 1 82 ? -10.355 -4.394  -1.059  1.00 22.54 ? 300 ASP A OD2 1 
ATOM   648 N N   . VAL A 1 83 ? -5.231  -6.426  -1.475  1.00 12.43 ? 301 VAL A N   1 
ATOM   649 C CA  . VAL A 1 83 ? -4.185  -7.243  -0.901  1.00 13.02 ? 301 VAL A CA  1 
ATOM   650 C C   . VAL A 1 83 ? -4.344  -7.163  0.609   1.00 14.20 ? 301 VAL A C   1 
ATOM   651 O O   . VAL A 1 83 ? -4.488  -6.082  1.178   1.00 13.29 ? 301 VAL A O   1 
ATOM   652 C CB  . VAL A 1 83 ? -2.813  -6.699  -1.316  1.00 15.07 ? 301 VAL A CB  1 
ATOM   653 C CG1 . VAL A 1 83 ? -1.711  -7.366  -0.533  1.00 17.78 ? 301 VAL A CG1 1 
ATOM   654 C CG2 . VAL A 1 83 ? -2.612  -6.897  -2.827  1.00 16.39 ? 301 VAL A CG2 1 
ATOM   655 N N   A TYR A 1 84 ? -4.357  -8.321  1.253   0.50 13.18 ? 302 TYR A N   1 
ATOM   656 N N   B TYR A 1 84 ? -4.309  -8.319  1.263   0.50 13.24 ? 302 TYR A N   1 
ATOM   657 C CA  A TYR A 1 84 ? -4.585  -8.367  2.679   0.50 14.43 ? 302 TYR A CA  1 
ATOM   658 C CA  B TYR A 1 84 ? -4.615  -8.401  2.683   0.50 14.43 ? 302 TYR A CA  1 
ATOM   659 C C   A TYR A 1 84 ? -3.282  -8.546  3.437   0.50 13.78 ? 302 TYR A C   1 
ATOM   660 C C   B TYR A 1 84 ? -3.362  -8.600  3.543   0.50 13.91 ? 302 TYR A C   1 
ATOM   661 O O   A TYR A 1 84 ? -2.575  -9.542  3.274   0.50 12.81 ? 302 TYR A O   1 
ATOM   662 O O   B TYR A 1 84 ? -2.779  -9.683  3.571   0.50 14.14 ? 302 TYR A O   1 
ATOM   663 C CB  A TYR A 1 84 ? -5.606  -9.449  3.007   0.50 15.15 ? 302 TYR A CB  1 
ATOM   664 C CB  B TYR A 1 84 ? -5.633  -9.516  2.909   0.50 14.97 ? 302 TYR A CB  1 
ATOM   665 C CG  A TYR A 1 84 ? -6.891  -9.232  2.243   0.50 17.59 ? 302 TYR A CG  1 
ATOM   666 C CG  B TYR A 1 84 ? -6.794  -9.429  1.936   0.50 16.15 ? 302 TYR A CG  1 
ATOM   667 C CD1 A TYR A 1 84 ? -7.776  -8.227  2.619   0.50 18.47 ? 302 TYR A CD1 1 
ATOM   668 C CD1 B TYR A 1 84 ? -6.839  -10.223 0.791   0.50 18.72 ? 302 TYR A CD1 1 
ATOM   669 C CD2 A TYR A 1 84 ? -7.203  -10.001 1.128   0.50 19.81 ? 302 TYR A CD2 1 
ATOM   670 C CD2 B TYR A 1 84 ? -7.829  -8.526  2.147   0.50 17.87 ? 302 TYR A CD2 1 
ATOM   671 C CE1 A TYR A 1 84 ? -8.949  -8.006  1.917   0.50 19.63 ? 302 TYR A CE1 1 
ATOM   672 C CE1 B TYR A 1 84 ? -7.897  -10.130 -0.107  0.50 17.97 ? 302 TYR A CE1 1 
ATOM   673 C CE2 A TYR A 1 84 ? -8.375  -9.790  0.419   0.50 19.48 ? 302 TYR A CE2 1 
ATOM   674 C CE2 B TYR A 1 84 ? -8.890  -8.428  1.259   0.50 19.13 ? 302 TYR A CE2 1 
ATOM   675 C CZ  A TYR A 1 84 ? -9.243  -8.792  0.819   0.50 19.16 ? 302 TYR A CZ  1 
ATOM   676 C CZ  B TYR A 1 84 ? -8.916  -9.228  0.134   0.50 17.49 ? 302 TYR A CZ  1 
ATOM   677 O OH  A TYR A 1 84 ? -10.410 -8.575  0.123   0.50 18.77 ? 302 TYR A OH  1 
ATOM   678 O OH  B TYR A 1 84 ? -9.973  -9.135  -0.746  0.50 19.56 ? 302 TYR A OH  1 
ATOM   679 N N   . ILE A 1 85 ? -2.959  -7.536  4.231   1.00 12.27 ? 303 ILE A N   1 
ATOM   680 C CA  . ILE A 1 85 ? -1.765  -7.535  5.046   1.00 12.33 ? 303 ILE A CA  1 
ATOM   681 C C   . ILE A 1 85 ? -2.115  -7.931  6.484   1.00 12.16 ? 303 ILE A C   1 
ATOM   682 O O   . ILE A 1 85 ? -2.953  -7.298  7.124   1.00 12.84 ? 303 ILE A O   1 
ATOM   683 C CB  . ILE A 1 85 ? -1.098  -6.140  4.995   1.00 12.87 ? 303 ILE A CB  1 
ATOM   684 C CG1 . ILE A 1 85 ? -0.395  -5.944  3.645   1.00 14.99 ? 303 ILE A CG1 1 
ATOM   685 C CG2 . ILE A 1 85 ? -0.122  -5.948  6.151   1.00 14.19 ? 303 ILE A CG2 1 
ATOM   686 C CD1 . ILE A 1 85 ? -0.011  -4.503  3.357   1.00 16.85 ? 303 ILE A CD1 1 
ATOM   687 N N   . GLN A 1 86 ? -1.483  -8.994  6.973   1.00 11.49 ? 304 GLN A N   1 
ATOM   688 C CA  . GLN A 1 86 ? -1.713  -9.487  8.322   1.00 11.41 ? 304 GLN A CA  1 
ATOM   689 C C   . GLN A 1 86 ? -0.559  -9.034  9.207   1.00 12.47 ? 304 GLN A C   1 
ATOM   690 O O   . GLN A 1 86 ? 0.589   -9.347  8.912   1.00 12.85 ? 304 GLN A O   1 
ATOM   691 C CB  . GLN A 1 86 ? -1.746  -11.017 8.313   1.00 10.26 ? 304 GLN A CB  1 
ATOM   692 C CG  . GLN A 1 86 ? -1.969  -11.630 9.677   1.00 12.46 ? 304 GLN A CG  1 
ATOM   693 C CD  . GLN A 1 86 ? -3.343  -11.275 10.227  1.00 14.91 ? 304 GLN A CD  1 
ATOM   694 O OE1 . GLN A 1 86 ? -4.372  -11.674 9.665   1.00 17.16 ? 304 GLN A OE1 1 
ATOM   695 N NE2 . GLN A 1 86 ? -3.365  -10.515 11.312  1.00 16.90 ? 304 GLN A NE2 1 
ATOM   696 N N   . PHE A 1 87 ? -0.861  -8.293  10.273  1.00 12.64 ? 305 PHE A N   1 
ATOM   697 C CA  . PHE A 1 87 ? 0.167   -7.868  11.218  1.00 15.85 ? 305 PHE A CA  1 
ATOM   698 C C   . PHE A 1 87 ? 0.216   -8.860  12.376  1.00 16.72 ? 305 PHE A C   1 
ATOM   699 O O   . PHE A 1 87 ? 1.103   -8.804  13.230  1.00 16.88 ? 305 PHE A O   1 
ATOM   700 C CB  . PHE A 1 87 ? -0.125  -6.466  11.772  1.00 15.36 ? 305 PHE A CB  1 
ATOM   701 C CG  . PHE A 1 87 ? 0.079   -5.349  10.773  1.00 16.64 ? 305 PHE A CG  1 
ATOM   702 C CD1 . PHE A 1 87 ? -0.874  -4.351  10.626  1.00 18.87 ? 305 PHE A CD1 1 
ATOM   703 C CD2 . PHE A 1 87 ? 1.225   -5.296  9.995   1.00 18.36 ? 305 PHE A CD2 1 
ATOM   704 C CE1 . PHE A 1 87 ? -0.685  -3.315  9.712   1.00 19.28 ? 305 PHE A CE1 1 
ATOM   705 C CE2 . PHE A 1 87 ? 1.423   -4.260  9.081   1.00 18.00 ? 305 PHE A CE2 1 
ATOM   706 C CZ  . PHE A 1 87 ? 0.462   -3.274  8.941   1.00 18.27 ? 305 PHE A CZ  1 
ATOM   707 O OXT . PHE A 1 87 ? -0.639  -9.738  12.481  1.00 17.43 ? 305 PHE A OXT 1 
HETATM 708 O O   . HOH B 2 .  ? 3.981   -1.076  -13.585 1.00 12.12 ? 1   HOH A O   1 
HETATM 709 O O   . HOH B 2 .  ? -1.392  -14.070 2.517   1.00 11.01 ? 2   HOH A O   1 
HETATM 710 O O   . HOH B 2 .  ? -5.620  8.462   14.462  1.00 21.78 ? 3   HOH A O   1 
HETATM 711 O O   . HOH B 2 .  ? 8.192   2.745   1.203   1.00 10.85 ? 4   HOH A O   1 
HETATM 712 O O   . HOH B 2 .  ? -3.746  -10.747 -0.291  1.00 13.94 ? 5   HOH A O   1 
HETATM 713 O O   . HOH B 2 .  ? 10.141  4.290   -0.218  1.00 12.64 ? 6   HOH A O   1 
HETATM 714 O O   . HOH B 2 .  ? 2.699   -5.331  -11.517 1.00 14.69 ? 7   HOH A O   1 
HETATM 715 O O   . HOH B 2 .  ? 8.180   1.484   -6.228  1.00 17.19 ? 8   HOH A O   1 
HETATM 716 O O   . HOH B 2 .  ? -3.201  -11.961 2.189   1.00 13.07 ? 9   HOH A O   1 
HETATM 717 O O   . HOH B 2 .  ? -5.745  15.547  0.393   1.00 15.12 ? 10  HOH A O   1 
HETATM 718 O O   . HOH B 2 .  ? 4.932   -9.169  10.244  1.00 15.10 ? 11  HOH A O   1 
HETATM 719 O O   . HOH B 2 .  ? 11.809  -2.216  3.321   1.00 23.04 ? 12  HOH A O   1 
HETATM 720 O O   . HOH B 2 .  ? -2.645  1.292   -13.268 1.00 15.87 ? 13  HOH A O   1 
HETATM 721 O O   . HOH B 2 .  ? -0.162  10.996  0.992   1.00 15.21 ? 14  HOH A O   1 
HETATM 722 O O   . HOH B 2 .  ? 1.288   -5.734  -14.703 1.00 18.45 ? 15  HOH A O   1 
HETATM 723 O O   . HOH B 2 .  ? 6.171   11.012  -10.412 1.00 20.50 ? 16  HOH A O   1 
HETATM 724 O O   . HOH B 2 .  ? -2.032  16.032  8.722   1.00 14.54 ? 17  HOH A O   1 
HETATM 725 O O   . HOH B 2 .  ? -9.048  9.306   1.661   1.00 17.60 ? 18  HOH A O   1 
HETATM 726 O O   . HOH B 2 .  ? -10.259 -3.710  -5.025  1.00 26.74 ? 19  HOH A O   1 
HETATM 727 O O   . HOH B 2 .  ? 16.418  -4.903  2.053   1.00 27.08 ? 20  HOH A O   1 
HETATM 728 O O   . HOH B 2 .  ? -2.379  -11.353 -6.780  1.00 21.72 ? 21  HOH A O   1 
HETATM 729 O O   . HOH B 2 .  ? 13.142  -8.766  7.717   1.00 19.63 ? 22  HOH A O   1 
HETATM 730 O O   . HOH B 2 .  ? -6.066  6.824   -5.034  1.00 23.35 ? 23  HOH A O   1 
HETATM 731 O O   . HOH B 2 .  ? -9.865  11.464  -2.057  1.00 21.16 ? 24  HOH A O   1 
HETATM 732 O O   . HOH B 2 .  ? -5.347  -10.518 -2.639  1.00 20.71 ? 25  HOH A O   1 
HETATM 733 O O   . HOH B 2 .  ? -5.689  -6.554  -10.049 1.00 28.10 ? 26  HOH A O   1 
HETATM 734 O O   . HOH B 2 .  ? 0.102   -15.047 -2.998  1.00 22.26 ? 27  HOH A O   1 
HETATM 735 O O   . HOH B 2 .  ? 7.325   5.686   -8.707  1.00 18.34 ? 28  HOH A O   1 
HETATM 736 O O   . HOH B 2 .  ? -7.782  -0.568  0.511   1.00 16.73 ? 29  HOH A O   1 
HETATM 737 O O   . HOH B 2 .  ? 7.229   -9.155  -8.374  1.00 15.32 ? 30  HOH A O   1 
HETATM 738 O O   . HOH B 2 .  ? 2.863   -12.334 -5.599  1.00 30.83 ? 31  HOH A O   1 
HETATM 739 O O   . HOH B 2 .  ? -11.401 -6.196  0.191   1.00 32.11 ? 32  HOH A O   1 
HETATM 740 O O   . HOH B 2 .  ? 5.762   -11.039 -6.855  1.00 18.44 ? 33  HOH A O   1 
HETATM 741 O O   . HOH B 2 .  ? 8.553   -7.586  1.266   1.00 21.90 ? 34  HOH A O   1 
HETATM 742 O O   . HOH B 2 .  ? 12.662  -3.649  -3.314  1.00 26.28 ? 35  HOH A O   1 
HETATM 743 O O   . HOH B 2 .  ? -5.644  -8.518  6.048   1.00 29.72 ? 36  HOH A O   1 
HETATM 744 O O   . HOH B 2 .  ? 1.415   -11.287 16.153  1.00 29.72 ? 37  HOH A O   1 
HETATM 745 O O   . HOH B 2 .  ? 10.815  -8.799  -0.758  1.00 29.66 ? 38  HOH A O   1 
HETATM 746 O O   . HOH B 2 .  ? -4.529  4.518   -11.376 1.00 26.68 ? 39  HOH A O   1 
HETATM 747 O O   . HOH B 2 .  ? -6.086  -10.389 7.846   1.00 24.34 ? 40  HOH A O   1 
HETATM 748 O O   . HOH B 2 .  ? -11.192 2.192   6.625   1.00 23.50 ? 41  HOH A O   1 
HETATM 749 O O   . HOH B 2 .  ? 8.768   11.770  -5.677  1.00 27.61 ? 42  HOH A O   1 
HETATM 750 O O   . HOH B 2 .  ? -11.289 -3.268  -11.273 1.00 31.90 ? 43  HOH A O   1 
HETATM 751 O O   . HOH B 2 .  ? -10.405 0.460   -1.956  1.00 21.49 ? 44  HOH A O   1 
HETATM 752 O O   . HOH B 2 .  ? 10.730  -10.256 -2.978  1.00 22.56 ? 45  HOH A O   1 
HETATM 753 O O   . HOH B 2 .  ? -2.850  -10.144 -4.213  1.00 26.21 ? 46  HOH A O   1 
HETATM 754 O O   . HOH B 2 .  ? -2.584  -4.327  17.722  1.00 47.42 ? 47  HOH A O   1 
HETATM 755 O O   . HOH B 2 .  ? -1.214  14.285  -2.398  1.00 26.42 ? 48  HOH A O   1 
HETATM 756 O O   . HOH B 2 .  ? -2.219  -11.124 -11.542 1.00 24.25 ? 49  HOH A O   1 
HETATM 757 O O   . HOH B 2 .  ? -11.141 -1.457  -6.256  1.00 29.07 ? 50  HOH A O   1 
HETATM 758 O O   . HOH B 2 .  ? -3.340  17.898  0.942   1.00 31.33 ? 51  HOH A O   1 
HETATM 759 O O   . HOH B 2 .  ? 14.949  -2.632  9.395   1.00 29.57 ? 52  HOH A O   1 
HETATM 760 O O   . HOH B 2 .  ? 0.159   12.694  -1.106  1.00 33.61 ? 53  HOH A O   1 
HETATM 761 O O   . HOH B 2 .  ? -7.898  -2.924  9.321   1.00 28.74 ? 54  HOH A O   1 
HETATM 762 O O   . HOH B 2 .  ? 13.762  -10.602 5.868   1.00 32.51 ? 55  HOH A O   1 
HETATM 763 O O   . HOH B 2 .  ? -0.999  -11.666 14.480  1.00 30.72 ? 56  HOH A O   1 
HETATM 764 O O   . HOH B 2 .  ? -4.516  14.557  -12.725 1.00 36.96 ? 57  HOH A O   1 
HETATM 765 O O   . HOH B 2 .  ? -6.251  5.433   -9.646  1.00 34.94 ? 58  HOH A O   1 
HETATM 766 O O   . HOH B 2 .  ? 0.451   15.015  7.811   1.00 27.68 ? 59  HOH A O   1 
HETATM 767 O O   . HOH B 2 .  ? -8.760  -4.057  6.796   1.00 34.73 ? 60  HOH A O   1 
HETATM 768 O O   . HOH B 2 .  ? -9.630  -8.265  -4.117  1.00 41.50 ? 61  HOH A O   1 
HETATM 769 O O   . HOH B 2 .  ? 12.424  -1.288  13.166  1.00 32.07 ? 62  HOH A O   1 
HETATM 770 O O   . HOH B 2 .  ? 4.334   15.803  -14.452 1.00 36.80 ? 63  HOH A O   1 
HETATM 771 O O   . HOH B 2 .  ? -6.419  -12.861 11.142  1.00 29.58 ? 64  HOH A O   1 
HETATM 772 O O   . HOH B 2 .  ? 11.397  -1.806  -7.727  1.00 30.93 ? 65  HOH A O   1 
HETATM 773 O O   . HOH B 2 .  ? -7.173  10.508  -5.976  1.00 27.82 ? 66  HOH A O   1 
HETATM 774 O O   . HOH B 2 .  ? -5.831  13.281  -3.135  1.00 27.21 ? 67  HOH A O   1 
HETATM 775 O O   . HOH B 2 .  ? 0.643   -8.772  -14.481 1.00 35.24 ? 68  HOH A O   1 
HETATM 776 O O   . HOH B 2 .  ? -7.701  -6.773  5.667   1.00 34.35 ? 69  HOH A O   1 
HETATM 777 O O   . HOH B 2 .  ? -5.031  -8.008  -12.624 1.00 33.03 ? 70  HOH A O   1 
HETATM 778 O O   . HOH B 2 .  ? 2.815   20.950  -2.919  1.00 36.18 ? 71  HOH A O   1 
HETATM 779 O O   . HOH B 2 .  ? -0.610  -3.219  -17.641 1.00 36.14 ? 72  HOH A O   1 
HETATM 780 O O   . HOH B 2 .  ? 8.760   -13.637 -7.281  1.00 37.08 ? 73  HOH A O   1 
HETATM 781 O O   . HOH B 2 .  ? -8.096  3.289   -12.587 1.00 30.40 ? 74  HOH A O   1 
HETATM 782 O O   . HOH B 2 .  ? -1.031  15.474  -4.390  1.00 25.64 ? 75  HOH A O   1 
HETATM 783 O O   . HOH B 2 .  ? 6.208   -7.409  -11.976 1.00 27.53 ? 76  HOH A O   1 
HETATM 784 O O   . HOH B 2 .  ? 8.114   10.024  -8.237  1.00 29.26 ? 77  HOH A O   1 
HETATM 785 O O   . HOH B 2 .  ? -9.980  2.749   -5.782  1.00 41.08 ? 78  HOH A O   1 
HETATM 786 O O   . HOH B 2 .  ? -11.615 -5.890  -5.379  1.00 44.63 ? 79  HOH A O   1 
HETATM 787 O O   . HOH B 2 .  ? 11.774  -3.366  -11.228 1.00 31.86 ? 80  HOH A O   1 
HETATM 788 O O   . HOH B 2 .  ? -12.133 -10.810 1.356   1.00 43.88 ? 81  HOH A O   1 
HETATM 789 O O   . HOH B 2 .  ? 7.831   20.183  -5.802  1.00 40.54 ? 82  HOH A O   1 
HETATM 790 O O   . HOH B 2 .  ? 15.263  -7.761  1.100   1.00 35.96 ? 83  HOH A O   1 
HETATM 791 O O   . HOH B 2 .  ? 2.989   15.184  8.969   1.00 35.11 ? 84  HOH A O   1 
HETATM 792 O O   . HOH B 2 .  ? 2.440   -7.800  -12.628 1.00 28.04 ? 85  HOH A O   1 
HETATM 793 O O   . HOH B 2 .  ? 14.038  -6.010  9.892   1.00 32.24 ? 86  HOH A O   1 
HETATM 794 O O   . HOH B 2 .  ? -13.173 2.923   -0.858  1.00 33.35 ? 87  HOH A O   1 
HETATM 795 O O   . HOH B 2 .  ? 9.198   -5.798  -12.509 1.00 32.33 ? 90  HOH A O   1 
HETATM 796 O O   . HOH B 2 .  ? 9.772   -8.935  -7.316  1.00 31.60 ? 91  HOH A O   1 
HETATM 797 O O   . HOH B 2 .  ? -9.128  -0.287  -12.422 1.00 32.67 ? 92  HOH A O   1 
HETATM 798 O O   . HOH B 2 .  ? -5.032  11.900  -7.006  1.00 33.83 ? 94  HOH A O   1 
HETATM 799 O O   . HOH B 2 .  ? -4.600  -11.826 -10.759 1.00 42.66 ? 95  HOH A O   1 
HETATM 800 O O   . HOH B 2 .  ? -8.378  -8.277  -10.212 1.00 45.73 ? 96  HOH A O   1 
HETATM 801 O O   . HOH B 2 .  ? -12.755 3.901   3.936   1.00 35.22 ? 97  HOH A O   1 
HETATM 802 O O   . HOH B 2 .  ? 1.434   19.402  -16.942 1.00 32.80 ? 98  HOH A O   1 
HETATM 803 O O   . HOH B 2 .  ? -9.969  5.498   -2.058  1.00 35.98 ? 99  HOH A O   1 
HETATM 804 O O   . HOH B 2 .  ? 0.302   -12.524 -7.370  1.00 35.97 ? 100 HOH A O   1 
HETATM 805 O O   . HOH B 2 .  ? -3.081  4.944   18.333  1.00 43.81 ? 101 HOH A O   1 
HETATM 806 O O   . HOH B 2 .  ? -1.279  10.933  17.540  1.00 40.75 ? 102 HOH A O   1 
HETATM 807 O O   . HOH B 2 .  ? -6.230  11.258  -9.461  1.00 39.61 ? 103 HOH A O   1 
HETATM 808 O O   . HOH B 2 .  ? 3.326   -8.101  12.873  1.00 41.10 ? 104 HOH A O   1 
HETATM 809 O O   . HOH B 2 .  ? 14.234  -6.429  -0.959  1.00 45.88 ? 105 HOH A O   1 
HETATM 810 O O   . HOH B 2 .  ? 2.977   16.701  -3.703  1.00 42.02 ? 107 HOH A O   1 
HETATM 811 O O   . HOH B 2 .  ? 10.314  -12.858 -3.867  1.00 33.55 ? 108 HOH A O   1 
HETATM 812 O O   . HOH B 2 .  ? 6.921   -9.870  -10.959 1.00 36.48 ? 109 HOH A O   1 
HETATM 813 O O   . HOH B 2 .  ? -3.310  -9.346  -13.872 1.00 39.88 ? 113 HOH A O   1 
HETATM 814 O O   . HOH B 2 .  ? -8.207  -5.009  -17.696 1.00 43.56 ? 118 HOH A O   1 
HETATM 815 O O   . HOH B 2 .  ? -1.498  16.912  -1.074  1.00 32.44 ? 119 HOH A O   1 
HETATM 816 O O   . HOH B 2 .  ? -6.060  -9.605  12.242  1.00 38.55 ? 120 HOH A O   1 
HETATM 817 O O   . HOH B 2 .  ? -1.784  -8.615  15.265  1.00 36.82 ? 124 HOH A O   1 
HETATM 818 O O   . HOH B 2 .  ? -10.813 -1.861  0.265   1.00 44.30 ? 125 HOH A O   1 
HETATM 819 O O   . HOH B 2 .  ? -4.429  6.220   -7.183  1.00 31.80 ? 129 HOH A O   1 
HETATM 820 O O   . HOH B 2 .  ? -0.643  14.782  13.416  1.00 46.03 ? 135 HOH A O   1 
HETATM 821 O O   . HOH B 2 .  ? -8.380  4.261   -8.734  1.00 34.59 ? 136 HOH A O   1 
HETATM 822 O O   . HOH B 2 .  ? -5.882  12.792  -11.704 1.00 45.16 ? 138 HOH A O   1 
HETATM 823 O O   . HOH B 2 .  ? 4.810   -5.719  11.300  1.00 32.92 ? 139 HOH A O   1 
HETATM 824 O O   . HOH B 2 .  ? 3.974   -16.106 -4.865  1.00 33.31 ? 140 HOH A O   1 
# 
